data_7O9Q
#
_entry.id   7O9Q
#
_cell.length_a   83.280
_cell.length_b   83.280
_cell.length_c   274.240
_cell.angle_alpha   90.000
_cell.angle_beta   90.000
_cell.angle_gamma   90.000
#
_symmetry.space_group_name_H-M   'P 43 21 2'
#
loop_
_entity.id
_entity.type
_entity.pdbx_description
1 polymer Awp1A
2 non-polymer pentane-1,5-diol
3 water water
#
_entity_poly.entity_id   1
_entity_poly.type   'polypeptide(L)'
_entity_poly.pdbx_seq_one_letter_code
;MGSSHHHHHHSSGLVPRGSHMASMTGGQQMGRGSLDILTPTTLTGDQTFNEDVSVVSSLTLNDGSQYLFNNLLQIAPSSA
SVTANALAAVSVFTFSLPPSSSLSNSGTLIISNSNTGPSTEQHIVITPNVMANTGTITLSLAHTNTDSSSTLIIDPVTFY
NTGTINYESIGSETNDPSLTGNILSIGSSGRTLQNLGTINLNAANSYYLLGTITENSGSINVQKGFLYVNALDFIGNTIN
LSTTTALAFISPVSQVVRVRGVFFGNIIASVGSSGTFSYNTQTGILTVTTNGVYSYDIGCGYNPALMSGQQETLSFQGNL
YDTFLVLVNQPIPSDLTCAAV
;
_entity_poly.pdbx_strand_id   A,B
#
loop_
_chem_comp.id
_chem_comp.type
_chem_comp.name
_chem_comp.formula
9JE non-polymer pentane-1,5-diol 'C5 H12 O2'
#
# COMPACT_ATOMS: atom_id res chain seq x y z
N SER A 34 -19.83 -33.81 16.54
CA SER A 34 -21.07 -34.13 15.84
C SER A 34 -20.85 -34.15 14.33
N LEU A 35 -20.46 -33.02 13.75
CA LEU A 35 -20.14 -32.92 12.34
C LEU A 35 -18.64 -33.16 12.14
N ASP A 36 -18.30 -34.26 11.49
CA ASP A 36 -16.91 -34.66 11.28
C ASP A 36 -16.58 -34.62 9.80
N ILE A 37 -15.50 -33.93 9.46
CA ILE A 37 -15.03 -33.80 8.09
C ILE A 37 -13.82 -34.71 7.95
N LEU A 38 -14.04 -35.92 7.43
CA LEU A 38 -12.99 -36.92 7.30
C LEU A 38 -12.46 -37.03 5.87
N THR A 39 -13.12 -36.42 4.90
CA THR A 39 -12.72 -36.44 3.50
C THR A 39 -12.77 -35.04 2.95
N PRO A 40 -11.91 -34.70 1.97
CA PRO A 40 -11.92 -33.34 1.41
C PRO A 40 -13.32 -32.89 1.03
N THR A 41 -13.80 -31.82 1.67
CA THR A 41 -15.17 -31.36 1.50
C THR A 41 -15.18 -29.90 1.06
N THR A 42 -16.13 -29.58 0.20
CA THR A 42 -16.37 -28.20 -0.26
C THR A 42 -17.85 -27.92 -0.11
N LEU A 43 -18.19 -26.89 0.66
CA LEU A 43 -19.56 -26.50 0.89
C LEU A 43 -19.83 -25.12 0.30
N THR A 44 -21.08 -24.89 -0.09
CA THR A 44 -21.48 -23.70 -0.84
C THR A 44 -22.59 -22.97 -0.09
N GLY A 45 -22.54 -21.64 -0.13
CA GLY A 45 -23.56 -20.81 0.48
C GLY A 45 -23.26 -20.45 1.92
N ASP A 46 -24.19 -19.72 2.51
CA ASP A 46 -24.06 -19.36 3.92
C ASP A 46 -24.07 -20.63 4.78
N GLN A 47 -23.31 -20.59 5.87
CA GLN A 47 -23.18 -21.74 6.76
C GLN A 47 -23.30 -21.27 8.20
N THR A 48 -24.16 -21.93 8.97
CA THR A 48 -24.30 -21.70 10.39
C THR A 48 -24.17 -23.04 11.10
N PHE A 49 -23.09 -23.24 11.83
CA PHE A 49 -22.80 -24.52 12.49
C PHE A 49 -23.18 -24.40 13.95
N ASN A 50 -24.35 -24.95 14.30
CA ASN A 50 -24.74 -25.11 15.69
C ASN A 50 -24.25 -26.43 16.28
N GLU A 51 -23.66 -27.29 15.47
CA GLU A 51 -23.05 -28.53 15.91
C GLU A 51 -21.56 -28.32 16.12
N ASP A 52 -20.96 -29.18 16.96
CA ASP A 52 -19.51 -29.24 17.06
C ASP A 52 -18.94 -29.72 15.74
N VAL A 53 -17.90 -29.03 15.26
CA VAL A 53 -17.30 -29.35 13.96
C VAL A 53 -15.86 -29.78 14.20
N SER A 54 -15.55 -31.01 13.78
CA SER A 54 -14.20 -31.56 13.85
C SER A 54 -13.72 -31.82 12.43
N VAL A 55 -12.60 -31.20 12.05
CA VAL A 55 -12.05 -31.31 10.70
C VAL A 55 -10.71 -32.01 10.81
N VAL A 56 -10.61 -33.21 10.24
CA VAL A 56 -9.33 -33.91 10.13
C VAL A 56 -8.81 -33.92 8.69
N SER A 57 -9.68 -33.73 7.70
CA SER A 57 -9.24 -33.55 6.32
C SER A 57 -9.21 -32.06 6.01
N SER A 58 -9.66 -31.66 4.81
CA SER A 58 -9.73 -30.26 4.44
C SER A 58 -11.19 -29.89 4.17
N LEU A 59 -11.65 -28.83 4.83
CA LEU A 59 -12.97 -28.26 4.60
C LEU A 59 -12.80 -26.92 3.90
N THR A 60 -13.58 -26.71 2.84
CA THR A 60 -13.56 -25.46 2.09
C THR A 60 -14.97 -24.89 2.03
N LEU A 61 -15.10 -23.62 2.40
CA LEU A 61 -16.36 -22.90 2.36
C LEU A 61 -16.30 -21.87 1.25
N ASN A 62 -17.19 -22.00 0.26
CA ASN A 62 -17.23 -21.09 -0.87
C ASN A 62 -18.59 -20.45 -0.99
N ASP A 63 -18.61 -19.30 -1.68
CA ASP A 63 -19.84 -18.68 -2.17
C ASP A 63 -20.81 -18.35 -1.03
N GLY A 64 -20.29 -18.03 0.14
CA GLY A 64 -21.13 -17.65 1.27
C GLY A 64 -20.72 -16.29 1.82
N SER A 65 -21.72 -15.48 2.15
CA SER A 65 -21.50 -14.18 2.76
C SER A 65 -21.46 -14.24 4.28
N GLN A 66 -21.76 -15.39 4.87
CA GLN A 66 -21.84 -15.51 6.33
C GLN A 66 -21.45 -16.92 6.72
N TYR A 67 -20.35 -17.04 7.46
CA TYR A 67 -19.90 -18.32 8.00
C TYR A 67 -19.88 -18.20 9.52
N LEU A 68 -20.70 -19.01 10.19
CA LEU A 68 -20.86 -18.95 11.64
C LEU A 68 -20.54 -20.31 12.25
N PHE A 69 -19.61 -20.31 13.20
CA PHE A 69 -19.33 -21.49 14.03
C PHE A 69 -19.72 -21.09 15.45
N ASN A 70 -20.87 -21.56 15.92
CA ASN A 70 -21.39 -21.18 17.22
C ASN A 70 -20.92 -22.07 18.36
N ASN A 71 -20.32 -23.22 18.05
CA ASN A 71 -19.83 -24.12 19.09
C ASN A 71 -18.37 -24.46 18.83
N LEU A 72 -18.00 -25.73 18.96
CA LEU A 72 -16.61 -26.11 18.78
C LEU A 72 -16.25 -26.13 17.29
N LEU A 73 -15.08 -25.59 16.98
CA LEU A 73 -14.45 -25.77 15.67
C LEU A 73 -13.06 -26.35 15.92
N GLN A 74 -12.90 -27.64 15.66
CA GLN A 74 -11.66 -28.34 15.91
C GLN A 74 -11.02 -28.73 14.58
N ILE A 75 -9.77 -28.33 14.39
CA ILE A 75 -9.02 -28.62 13.17
C ILE A 75 -7.75 -29.35 13.60
N ALA A 76 -7.71 -30.65 13.35
CA ALA A 76 -6.60 -31.48 13.78
C ALA A 76 -6.66 -32.80 13.01
N PRO A 77 -5.51 -33.40 12.69
CA PRO A 77 -4.14 -33.02 13.07
C PRO A 77 -3.57 -31.86 12.25
N SER A 78 -2.25 -31.70 12.27
CA SER A 78 -1.63 -30.53 11.66
C SER A 78 -1.93 -30.42 10.17
N SER A 79 -2.14 -31.55 9.50
CA SER A 79 -2.39 -31.51 8.06
C SER A 79 -3.82 -31.09 7.72
N ALA A 80 -4.72 -31.05 8.69
CA ALA A 80 -6.09 -30.61 8.43
C ALA A 80 -6.12 -29.12 8.13
N SER A 81 -7.23 -28.68 7.54
CA SER A 81 -7.34 -27.29 7.13
C SER A 81 -8.80 -26.90 6.93
N VAL A 82 -9.08 -25.63 7.23
CA VAL A 82 -10.36 -25.00 6.91
C VAL A 82 -10.06 -23.73 6.13
N THR A 83 -10.77 -23.54 5.02
CA THR A 83 -10.61 -22.36 4.18
C THR A 83 -11.98 -21.75 3.94
N ALA A 84 -12.21 -20.55 4.47
CA ALA A 84 -13.47 -19.84 4.33
C ALA A 84 -13.27 -18.74 3.31
N ASN A 85 -13.85 -18.92 2.12
CA ASN A 85 -13.77 -17.94 1.04
C ASN A 85 -15.07 -17.15 0.97
N ALA A 86 -14.98 -15.84 1.15
CA ALA A 86 -16.16 -14.99 1.06
C ALA A 86 -16.74 -15.04 -0.35
N LEU A 87 -18.05 -14.91 -0.45
CA LEU A 87 -18.71 -14.78 -1.74
C LEU A 87 -18.23 -13.50 -2.42
N ALA A 88 -17.89 -13.61 -3.70
CA ALA A 88 -17.32 -12.49 -4.43
C ALA A 88 -18.38 -11.46 -4.80
N ALA A 89 -17.92 -10.22 -4.98
CA ALA A 89 -18.75 -9.12 -5.48
C ALA A 89 -20.08 -9.03 -4.73
N VAL A 90 -19.99 -9.01 -3.40
CA VAL A 90 -21.16 -8.81 -2.55
C VAL A 90 -20.83 -7.74 -1.51
N SER A 91 -21.87 -7.27 -0.83
CA SER A 91 -21.75 -6.09 0.01
C SER A 91 -21.11 -6.41 1.37
N VAL A 92 -21.61 -7.44 2.05
CA VAL A 92 -21.19 -7.72 3.41
C VAL A 92 -20.60 -9.13 3.48
N PHE A 93 -19.65 -9.30 4.40
CA PHE A 93 -19.09 -10.61 4.70
C PHE A 93 -18.88 -10.72 6.20
N THR A 94 -19.26 -11.87 6.75
CA THR A 94 -19.13 -12.13 8.18
C THR A 94 -18.52 -13.51 8.37
N PHE A 95 -17.40 -13.57 9.11
CA PHE A 95 -16.88 -14.80 9.67
C PHE A 95 -16.87 -14.63 11.18
N SER A 96 -17.54 -15.54 11.89
CA SER A 96 -17.83 -15.34 13.31
C SER A 96 -17.52 -16.59 14.13
N LEU A 97 -16.75 -16.38 15.20
CA LEU A 97 -16.62 -17.36 16.29
C LEU A 97 -17.06 -16.62 17.55
N PRO A 98 -18.35 -16.66 17.88
CA PRO A 98 -18.86 -15.83 18.98
C PRO A 98 -18.51 -16.42 20.33
N PRO A 99 -18.83 -15.71 21.42
CA PRO A 99 -18.44 -16.19 22.76
C PRO A 99 -18.93 -17.59 23.08
N SER A 100 -19.98 -18.07 22.40
CA SER A 100 -20.47 -19.42 22.65
C SER A 100 -19.57 -20.48 22.03
N SER A 101 -18.65 -20.09 21.15
CA SER A 101 -17.85 -21.03 20.39
C SER A 101 -16.49 -21.27 21.06
N SER A 102 -15.76 -22.23 20.51
CA SER A 102 -14.40 -22.52 20.94
C SER A 102 -13.60 -22.94 19.72
N LEU A 103 -12.36 -22.48 19.65
CA LEU A 103 -11.49 -22.79 18.52
C LEU A 103 -10.28 -23.56 19.02
N SER A 104 -10.03 -24.71 18.41
CA SER A 104 -8.87 -25.56 18.72
C SER A 104 -8.25 -25.94 17.38
N ASN A 105 -7.19 -25.23 16.99
CA ASN A 105 -6.57 -25.41 15.68
C ASN A 105 -5.13 -25.86 15.84
N SER A 106 -4.82 -27.05 15.33
CA SER A 106 -3.46 -27.49 15.14
C SER A 106 -3.08 -27.55 13.67
N GLY A 107 -4.03 -27.30 12.77
CA GLY A 107 -3.75 -27.26 11.35
C GLY A 107 -3.72 -25.84 10.81
N THR A 108 -4.46 -25.59 9.72
CA THR A 108 -4.39 -24.32 9.02
C THR A 108 -5.80 -23.78 8.80
N LEU A 109 -6.08 -22.60 9.35
CA LEU A 109 -7.36 -21.93 9.20
C LEU A 109 -7.14 -20.66 8.38
N ILE A 110 -7.74 -20.60 7.20
CA ILE A 110 -7.62 -19.45 6.30
C ILE A 110 -8.98 -18.76 6.20
N ILE A 111 -8.99 -17.46 6.47
CA ILE A 111 -10.17 -16.62 6.29
C ILE A 111 -9.83 -15.63 5.19
N SER A 112 -10.43 -15.80 4.01
CA SER A 112 -10.08 -15.01 2.84
C SER A 112 -11.30 -14.24 2.36
N ASN A 113 -11.11 -12.96 2.09
CA ASN A 113 -12.15 -12.12 1.49
C ASN A 113 -11.56 -11.35 0.31
N SER A 114 -12.03 -11.66 -0.89
CA SER A 114 -11.57 -10.96 -2.09
C SER A 114 -12.32 -9.66 -2.34
N ASN A 115 -13.38 -9.37 -1.60
CA ASN A 115 -14.11 -8.13 -1.81
C ASN A 115 -13.24 -6.95 -1.39
N THR A 116 -13.28 -5.88 -2.18
CA THR A 116 -12.39 -4.76 -1.97
C THR A 116 -13.11 -3.49 -2.40
N GLY A 117 -12.58 -2.35 -1.94
CA GLY A 117 -13.16 -1.07 -2.28
C GLY A 117 -13.70 -0.32 -1.08
N PRO A 118 -13.91 0.99 -1.25
CA PRO A 118 -14.31 1.82 -0.10
C PRO A 118 -15.67 1.49 0.47
N SER A 119 -16.54 0.82 -0.30
N SER A 119 -16.54 0.82 -0.30
CA SER A 119 -17.86 0.43 0.18
CA SER A 119 -17.86 0.43 0.20
C SER A 119 -17.88 -0.96 0.81
C SER A 119 -17.87 -0.94 0.84
N THR A 120 -16.73 -1.63 0.89
CA THR A 120 -16.67 -2.97 1.46
C THR A 120 -17.06 -2.92 2.94
N GLU A 121 -17.85 -3.90 3.36
CA GLU A 121 -18.16 -4.09 4.77
C GLU A 121 -17.87 -5.54 5.10
N GLN A 122 -17.02 -5.77 6.10
CA GLN A 122 -16.70 -7.12 6.54
C GLN A 122 -16.66 -7.13 8.05
N HIS A 123 -16.97 -8.30 8.61
CA HIS A 123 -16.98 -8.50 10.06
C HIS A 123 -16.31 -9.84 10.31
N ILE A 124 -15.03 -9.80 10.65
CA ILE A 124 -14.27 -10.97 11.05
C ILE A 124 -14.11 -10.84 12.56
N VAL A 125 -14.92 -11.58 13.30
CA VAL A 125 -15.04 -11.39 14.74
C VAL A 125 -14.73 -12.74 15.39
N ILE A 126 -13.50 -12.89 15.86
CA ILE A 126 -13.01 -14.14 16.46
C ILE A 126 -12.99 -13.90 17.96
N THR A 127 -14.11 -14.21 18.62
CA THR A 127 -14.27 -13.98 20.05
C THR A 127 -14.79 -15.25 20.75
N PRO A 128 -14.15 -16.39 20.51
CA PRO A 128 -14.60 -17.62 21.18
C PRO A 128 -14.28 -17.58 22.66
N ASN A 129 -14.94 -18.47 23.41
CA ASN A 129 -14.59 -18.62 24.81
C ASN A 129 -13.12 -18.98 24.96
N VAL A 130 -12.62 -19.85 24.09
CA VAL A 130 -11.22 -20.21 24.06
C VAL A 130 -10.72 -20.20 22.62
N MET A 131 -9.56 -19.58 22.42
N MET A 131 -9.51 -19.65 22.44
CA MET A 131 -8.89 -19.58 21.12
CA MET A 131 -8.86 -19.54 21.14
C MET A 131 -7.53 -20.23 21.31
C MET A 131 -7.50 -20.21 21.27
N ALA A 132 -7.41 -21.48 20.86
CA ALA A 132 -6.19 -22.27 21.01
C ALA A 132 -5.64 -22.60 19.64
N ASN A 133 -4.46 -22.07 19.33
CA ASN A 133 -3.81 -22.27 18.04
C ASN A 133 -2.40 -22.78 18.23
N THR A 134 -2.14 -24.00 17.75
CA THR A 134 -0.79 -24.52 17.62
C THR A 134 -0.39 -24.65 16.16
N GLY A 135 -1.27 -24.25 15.23
CA GLY A 135 -0.98 -24.30 13.82
C GLY A 135 -0.92 -22.91 13.21
N THR A 136 -1.56 -22.73 12.06
CA THR A 136 -1.52 -21.47 11.34
C THR A 136 -2.92 -20.91 11.17
N ILE A 137 -3.08 -19.63 11.50
CA ILE A 137 -4.30 -18.89 11.20
C ILE A 137 -3.89 -17.70 10.35
N THR A 138 -4.52 -17.57 9.18
CA THR A 138 -4.18 -16.51 8.24
C THR A 138 -5.42 -15.76 7.85
N LEU A 139 -5.42 -14.46 8.12
CA LEU A 139 -6.47 -13.54 7.70
C LEU A 139 -5.99 -12.88 6.42
N SER A 140 -6.67 -13.12 5.31
CA SER A 140 -6.19 -12.73 3.99
C SER A 140 -7.28 -11.89 3.33
N LEU A 141 -7.13 -10.57 3.36
CA LEU A 141 -8.19 -9.65 2.97
C LEU A 141 -7.74 -8.75 1.83
N ALA A 142 -8.67 -8.44 0.93
CA ALA A 142 -8.41 -7.47 -0.12
C ALA A 142 -8.82 -6.06 0.28
N HIS A 143 -9.64 -5.93 1.33
CA HIS A 143 -10.04 -4.63 1.86
C HIS A 143 -9.27 -4.44 3.17
N THR A 144 -8.19 -3.67 3.12
CA THR A 144 -7.34 -3.42 4.27
C THR A 144 -7.35 -1.98 4.73
N ASN A 145 -7.86 -1.07 3.91
CA ASN A 145 -8.00 0.33 4.30
C ASN A 145 -8.99 0.46 5.44
N THR A 146 -8.84 1.53 6.22
CA THR A 146 -9.87 1.84 7.20
C THR A 146 -11.16 2.24 6.50
N ASP A 147 -12.27 2.09 7.20
CA ASP A 147 -13.58 2.45 6.69
C ASP A 147 -14.47 2.83 7.87
N SER A 148 -15.75 3.04 7.59
CA SER A 148 -16.66 3.52 8.62
C SER A 148 -17.40 2.41 9.35
N SER A 149 -17.37 1.16 8.87
CA SER A 149 -18.29 0.17 9.40
C SER A 149 -17.73 -1.25 9.58
N SER A 150 -16.54 -1.57 9.11
CA SER A 150 -16.04 -2.93 9.22
C SER A 150 -15.46 -3.17 10.62
N THR A 151 -15.47 -4.42 11.04
CA THR A 151 -14.82 -4.81 12.28
C THR A 151 -13.90 -5.99 12.02
N LEU A 152 -12.67 -5.90 12.53
CA LEU A 152 -11.70 -7.00 12.55
C LEU A 152 -11.27 -7.16 14.00
N ILE A 153 -11.74 -8.23 14.64
CA ILE A 153 -11.61 -8.39 16.08
C ILE A 153 -11.08 -9.78 16.37
N ILE A 154 -10.02 -9.85 17.18
CA ILE A 154 -9.60 -11.08 17.83
C ILE A 154 -9.65 -10.79 19.32
N ASP A 155 -10.73 -11.22 19.99
CA ASP A 155 -10.91 -10.93 21.41
C ASP A 155 -11.67 -12.05 22.12
N PRO A 156 -11.12 -13.26 22.18
CA PRO A 156 -11.72 -14.33 22.99
C PRO A 156 -11.60 -14.02 24.47
N VAL A 157 -12.23 -14.86 25.29
CA VAL A 157 -11.96 -14.81 26.73
C VAL A 157 -10.52 -15.26 26.98
N THR A 158 -10.13 -16.40 26.43
CA THR A 158 -8.81 -16.96 26.62
C THR A 158 -8.13 -17.16 25.28
N PHE A 159 -6.87 -16.73 25.20
CA PHE A 159 -6.10 -16.71 23.96
C PHE A 159 -4.80 -17.47 24.17
N TYR A 160 -4.59 -18.54 23.41
CA TYR A 160 -3.42 -19.40 23.50
C TYR A 160 -2.88 -19.61 22.09
N ASN A 161 -1.65 -19.15 21.83
CA ASN A 161 -1.03 -19.28 20.50
C ASN A 161 0.40 -19.74 20.66
N THR A 162 0.69 -20.97 20.22
CA THR A 162 2.05 -21.45 20.05
C THR A 162 2.46 -21.52 18.58
N GLY A 163 1.53 -21.29 17.66
CA GLY A 163 1.78 -21.31 16.23
C GLY A 163 1.91 -19.92 15.66
N THR A 164 1.34 -19.71 14.47
CA THR A 164 1.48 -18.46 13.75
C THR A 164 0.10 -17.91 13.39
N ILE A 165 -0.11 -16.62 13.64
CA ILE A 165 -1.32 -15.93 13.24
C ILE A 165 -0.90 -14.80 12.31
N ASN A 166 -1.44 -14.80 11.09
CA ASN A 166 -1.06 -13.86 10.05
C ASN A 166 -2.24 -12.97 9.68
N TYR A 167 -1.94 -11.70 9.40
CA TYR A 167 -2.87 -10.81 8.71
C TYR A 167 -2.14 -10.35 7.46
N GLU A 168 -2.63 -10.78 6.30
N GLU A 168 -2.62 -10.79 6.29
CA GLU A 168 -2.00 -10.51 5.01
CA GLU A 168 -1.98 -10.50 5.02
C GLU A 168 -2.98 -9.81 4.09
C GLU A 168 -2.99 -9.79 4.11
N SER A 169 -2.45 -9.08 3.12
CA SER A 169 -3.26 -8.35 2.14
C SER A 169 -3.23 -9.08 0.82
N ILE A 170 -4.40 -9.25 0.21
CA ILE A 170 -4.49 -9.70 -1.17
C ILE A 170 -5.13 -8.64 -2.06
N GLY A 171 -5.06 -7.38 -1.61
CA GLY A 171 -5.62 -6.28 -2.37
C GLY A 171 -4.57 -5.26 -2.74
N SER A 172 -5.01 -4.15 -3.33
CA SER A 172 -4.13 -3.10 -3.80
C SER A 172 -4.69 -1.72 -3.48
N GLU A 173 -5.44 -1.61 -2.39
CA GLU A 173 -6.13 -0.36 -2.08
C GLU A 173 -5.14 0.75 -1.77
N THR A 174 -5.57 1.98 -2.04
CA THR A 174 -4.79 3.17 -1.77
C THR A 174 -5.72 4.23 -1.19
N ASN A 175 -5.17 5.41 -0.92
CA ASN A 175 -5.94 6.58 -0.52
C ASN A 175 -6.82 6.27 0.69
N ASP A 176 -6.15 5.82 1.74
CA ASP A 176 -6.88 5.46 2.95
C ASP A 176 -7.60 6.67 3.51
N PRO A 177 -8.84 6.51 3.98
CA PRO A 177 -9.60 7.67 4.50
C PRO A 177 -9.37 7.99 5.97
N SER A 178 -8.45 7.30 6.64
CA SER A 178 -8.09 7.60 8.02
C SER A 178 -9.33 7.58 8.93
N LEU A 179 -10.12 6.51 8.81
CA LEU A 179 -11.29 6.29 9.63
C LEU A 179 -10.99 5.24 10.69
N THR A 180 -12.00 4.91 11.50
CA THR A 180 -11.80 4.02 12.65
C THR A 180 -12.23 2.58 12.40
N GLY A 181 -12.95 2.31 11.32
CA GLY A 181 -13.35 0.95 11.03
C GLY A 181 -12.26 0.15 10.32
N ASN A 182 -12.42 -1.17 10.37
CA ASN A 182 -11.55 -2.10 9.66
C ASN A 182 -10.11 -2.05 10.17
N ILE A 183 -9.93 -1.80 11.47
CA ILE A 183 -8.62 -1.86 12.11
C ILE A 183 -8.59 -3.11 12.95
N LEU A 184 -7.70 -4.05 12.59
CA LEU A 184 -7.57 -5.27 13.37
C LEU A 184 -7.24 -4.91 14.82
N SER A 185 -8.10 -5.33 15.74
CA SER A 185 -7.97 -5.00 17.16
C SER A 185 -7.86 -6.30 17.94
N ILE A 186 -6.75 -6.46 18.65
CA ILE A 186 -6.39 -7.73 19.28
C ILE A 186 -6.54 -7.56 20.79
N GLY A 187 -7.41 -8.37 21.38
CA GLY A 187 -7.57 -8.39 22.81
C GLY A 187 -8.52 -7.30 23.30
N SER A 188 -8.56 -7.15 24.61
CA SER A 188 -9.39 -6.12 25.22
C SER A 188 -8.90 -5.86 26.63
N SER A 189 -9.23 -4.67 27.13
CA SER A 189 -8.76 -4.24 28.44
C SER A 189 -9.20 -5.24 29.50
N GLY A 190 -8.23 -5.80 30.20
CA GLY A 190 -8.48 -6.73 31.28
C GLY A 190 -8.25 -8.18 30.93
N ARG A 191 -8.25 -8.52 29.64
CA ARG A 191 -7.99 -9.88 29.21
C ARG A 191 -6.53 -10.01 28.79
N THR A 192 -6.01 -11.23 28.86
CA THR A 192 -4.63 -11.52 28.53
C THR A 192 -4.55 -12.34 27.26
N LEU A 193 -3.35 -12.39 26.68
CA LEU A 193 -3.08 -13.09 25.43
C LEU A 193 -1.79 -13.88 25.61
N GLN A 194 -1.90 -15.20 25.76
CA GLN A 194 -0.73 -16.07 25.87
C GLN A 194 -0.18 -16.31 24.46
N ASN A 195 0.76 -15.46 24.05
CA ASN A 195 1.38 -15.56 22.73
C ASN A 195 2.75 -16.19 22.91
N LEU A 196 2.81 -17.51 22.84
CA LEU A 196 4.09 -18.20 22.85
C LEU A 196 4.72 -18.22 21.46
N GLY A 197 3.91 -18.07 20.42
CA GLY A 197 4.37 -18.15 19.04
C GLY A 197 4.46 -16.78 18.37
N THR A 198 3.96 -16.68 17.14
CA THR A 198 4.17 -15.49 16.32
C THR A 198 2.84 -14.89 15.87
N ILE A 199 2.79 -13.57 15.89
CA ILE A 199 1.71 -12.80 15.25
C ILE A 199 2.36 -11.93 14.19
N ASN A 200 1.94 -12.09 12.94
CA ASN A 200 2.52 -11.35 11.81
C ASN A 200 1.50 -10.35 11.30
N LEU A 201 1.86 -9.07 11.32
CA LEU A 201 0.96 -7.98 10.91
C LEU A 201 1.53 -7.37 9.64
N ASN A 202 0.88 -7.63 8.51
CA ASN A 202 1.49 -7.33 7.22
C ASN A 202 0.40 -7.07 6.18
N ALA A 203 -0.48 -6.10 6.47
CA ALA A 203 -1.64 -5.89 5.60
C ALA A 203 -2.13 -4.46 5.50
N ALA A 204 -1.93 -3.63 6.52
CA ALA A 204 -2.75 -2.44 6.67
C ALA A 204 -1.92 -1.27 7.21
N ASN A 205 -2.57 -0.11 7.28
CA ASN A 205 -1.93 1.08 7.82
C ASN A 205 -1.75 1.01 9.33
N SER A 206 -2.64 0.30 10.02
CA SER A 206 -2.60 0.31 11.48
C SER A 206 -3.24 -0.96 12.03
N TYR A 207 -2.85 -1.27 13.28
CA TYR A 207 -3.42 -2.35 14.07
C TYR A 207 -3.43 -1.89 15.52
N TYR A 208 -4.38 -2.41 16.29
CA TYR A 208 -4.55 -2.04 17.69
C TYR A 208 -4.33 -3.27 18.57
N LEU A 209 -3.50 -3.12 19.60
CA LEU A 209 -3.31 -4.14 20.63
C LEU A 209 -3.90 -3.59 21.93
N LEU A 210 -5.02 -4.18 22.35
CA LEU A 210 -5.77 -3.71 23.51
C LEU A 210 -5.70 -4.64 24.70
N GLY A 211 -5.31 -5.91 24.49
CA GLY A 211 -5.16 -6.84 25.59
C GLY A 211 -3.75 -6.87 26.15
N THR A 212 -3.58 -7.65 27.22
CA THR A 212 -2.28 -7.82 27.86
C THR A 212 -1.58 -9.03 27.26
N ILE A 213 -0.54 -8.79 26.47
CA ILE A 213 0.30 -9.86 25.96
C ILE A 213 1.16 -10.44 27.08
N THR A 214 1.32 -11.77 27.06
CA THR A 214 2.23 -12.44 27.98
C THR A 214 3.02 -13.52 27.22
N GLU A 215 4.00 -14.09 27.92
CA GLU A 215 4.85 -15.22 27.52
C GLU A 215 6.17 -14.75 26.92
N ASN A 216 7.28 -15.29 27.41
CA ASN A 216 8.60 -14.77 27.04
C ASN A 216 9.03 -15.14 25.62
N SER A 217 8.45 -16.18 25.02
CA SER A 217 8.91 -16.67 23.74
C SER A 217 8.19 -16.03 22.56
N GLY A 218 7.11 -15.29 22.79
CA GLY A 218 6.31 -14.79 21.69
C GLY A 218 6.95 -13.61 20.98
N SER A 219 6.47 -13.38 19.77
CA SER A 219 6.90 -12.23 18.98
C SER A 219 5.71 -11.67 18.25
N ILE A 220 5.66 -10.34 18.16
CA ILE A 220 4.74 -9.62 17.28
C ILE A 220 5.58 -8.92 16.22
N ASN A 221 5.37 -9.31 14.97
CA ASN A 221 6.16 -8.79 13.86
C ASN A 221 5.31 -7.77 13.12
N VAL A 222 5.69 -6.50 13.24
CA VAL A 222 5.03 -5.41 12.54
C VAL A 222 5.77 -5.25 11.22
N GLN A 223 5.25 -5.89 10.19
CA GLN A 223 5.92 -5.93 8.90
C GLN A 223 5.45 -4.84 7.95
N LYS A 224 4.30 -4.24 8.23
CA LYS A 224 3.72 -3.19 7.42
C LYS A 224 2.83 -2.36 8.35
N GLY A 225 2.95 -1.04 8.28
CA GLY A 225 2.05 -0.17 9.03
C GLY A 225 2.48 0.09 10.45
N PHE A 226 1.54 0.61 11.25
CA PHE A 226 1.79 1.05 12.62
C PHE A 226 1.03 0.18 13.62
N LEU A 227 1.70 -0.22 14.69
CA LEU A 227 1.06 -0.90 15.81
C LEU A 227 0.85 0.09 16.94
N TYR A 228 -0.40 0.23 17.39
CA TYR A 228 -0.77 1.06 18.52
C TYR A 228 -1.10 0.14 19.67
N VAL A 229 -0.50 0.40 20.84
CA VAL A 229 -0.72 -0.42 22.03
C VAL A 229 -1.35 0.44 23.11
N ASN A 230 -2.54 0.05 23.57
CA ASN A 230 -3.22 0.71 24.68
C ASN A 230 -3.71 -0.41 25.59
N ALA A 231 -2.81 -0.90 26.45
CA ALA A 231 -3.08 -2.07 27.26
C ALA A 231 -2.63 -1.82 28.70
N LEU A 232 -3.15 -2.64 29.61
CA LEU A 232 -2.82 -2.47 31.02
C LEU A 232 -1.38 -2.89 31.31
N ASP A 233 -0.92 -3.96 30.68
CA ASP A 233 0.45 -4.41 30.81
C ASP A 233 0.89 -5.01 29.47
N PHE A 234 2.19 -5.20 29.33
CA PHE A 234 2.78 -5.88 28.17
C PHE A 234 3.98 -6.68 28.67
N ILE A 235 3.88 -8.00 28.58
CA ILE A 235 4.82 -8.90 29.25
C ILE A 235 5.41 -9.88 28.25
N GLY A 236 6.70 -10.11 28.37
CA GLY A 236 7.35 -11.26 27.73
C GLY A 236 7.69 -11.16 26.25
N ASN A 237 6.72 -10.77 25.42
CA ASN A 237 6.91 -10.80 23.98
C ASN A 237 7.96 -9.80 23.52
N THR A 238 8.47 -10.05 22.32
CA THR A 238 9.34 -9.12 21.60
C THR A 238 8.54 -8.55 20.43
N ILE A 239 8.63 -7.24 20.25
CA ILE A 239 8.02 -6.57 19.11
C ILE A 239 9.11 -6.31 18.09
N ASN A 240 8.98 -6.90 16.91
CA ASN A 240 9.97 -6.77 15.83
C ASN A 240 9.41 -5.82 14.79
N LEU A 241 10.10 -4.71 14.57
CA LEU A 241 9.66 -3.67 13.64
C LEU A 241 10.42 -3.82 12.32
N SER A 242 9.69 -3.85 11.21
CA SER A 242 10.31 -3.83 9.90
C SER A 242 10.56 -2.38 9.49
N THR A 243 11.09 -2.18 8.29
CA THR A 243 11.35 -0.82 7.85
C THR A 243 10.04 -0.10 7.56
N THR A 244 10.06 1.22 7.77
CA THR A 244 8.89 2.09 7.64
C THR A 244 7.68 1.52 8.36
N THR A 245 7.91 1.03 9.58
CA THR A 245 6.83 0.74 10.52
C THR A 245 7.02 1.60 11.76
N ALA A 246 6.04 1.54 12.65
CA ALA A 246 6.15 2.28 13.90
C ALA A 246 5.45 1.51 14.99
N LEU A 247 5.94 1.68 16.21
CA LEU A 247 5.27 1.23 17.42
C LEU A 247 4.90 2.46 18.22
N ALA A 248 3.63 2.54 18.62
CA ALA A 248 3.13 3.65 19.41
C ALA A 248 2.42 3.11 20.64
N PHE A 249 2.90 3.49 21.82
CA PHE A 249 2.23 3.15 23.06
C PHE A 249 1.35 4.31 23.47
N ILE A 250 0.04 4.04 23.57
CA ILE A 250 -0.92 5.07 23.94
C ILE A 250 -0.85 5.37 25.42
N SER A 251 -0.60 4.34 26.23
CA SER A 251 -0.42 4.45 27.66
C SER A 251 0.85 3.72 28.06
N PRO A 252 1.61 4.26 29.01
CA PRO A 252 2.80 3.54 29.49
C PRO A 252 2.41 2.30 30.29
N VAL A 253 3.22 1.26 30.15
CA VAL A 253 3.12 0.08 30.99
C VAL A 253 4.31 0.07 31.93
N SER A 254 4.15 -0.63 33.06
CA SER A 254 5.24 -0.71 34.02
C SER A 254 6.35 -1.65 33.56
N GLN A 255 6.07 -2.55 32.62
CA GLN A 255 7.09 -3.48 32.16
C GLN A 255 8.05 -2.80 31.20
N VAL A 256 9.29 -3.28 31.18
CA VAL A 256 10.18 -2.96 30.07
C VAL A 256 9.72 -3.74 28.85
N VAL A 257 9.57 -3.04 27.73
CA VAL A 257 9.02 -3.63 26.51
C VAL A 257 10.17 -3.91 25.54
N ARG A 258 10.28 -5.16 25.12
CA ARG A 258 11.38 -5.59 24.27
C ARG A 258 11.00 -5.29 22.82
N VAL A 259 11.79 -4.46 22.16
CA VAL A 259 11.57 -4.10 20.77
C VAL A 259 12.87 -4.33 20.03
N ARG A 260 12.79 -4.93 18.84
CA ARG A 260 13.98 -5.19 18.05
C ARG A 260 13.71 -4.73 16.63
N GLY A 261 14.79 -4.58 15.87
CA GLY A 261 14.71 -4.03 14.54
C GLY A 261 14.73 -2.52 14.48
N VAL A 262 15.06 -1.85 15.58
CA VAL A 262 15.00 -0.39 15.64
C VAL A 262 16.18 0.21 14.88
N PHE A 263 15.89 1.08 13.93
CA PHE A 263 16.94 1.75 13.15
C PHE A 263 16.32 2.93 12.43
N PHE A 264 17.07 3.54 11.52
N PHE A 264 17.12 3.56 11.56
CA PHE A 264 16.58 4.77 10.91
CA PHE A 264 16.70 4.65 10.68
C PHE A 264 15.30 4.56 10.10
C PHE A 264 15.24 4.52 10.26
N GLY A 265 14.89 3.32 9.84
CA GLY A 265 13.68 3.08 9.08
C GLY A 265 12.40 3.02 9.86
N ASN A 266 12.46 3.05 11.19
CA ASN A 266 11.24 2.94 11.99
C ASN A 266 11.40 3.79 13.23
N ILE A 267 10.32 3.88 14.02
CA ILE A 267 10.33 4.76 15.19
C ILE A 267 9.48 4.16 16.30
N ILE A 268 9.77 4.58 17.52
CA ILE A 268 8.97 4.24 18.70
C ILE A 268 8.35 5.55 19.19
N ALA A 269 7.02 5.57 19.27
CA ALA A 269 6.28 6.75 19.70
C ALA A 269 5.65 6.50 21.06
N SER A 270 5.61 7.54 21.89
CA SER A 270 5.08 7.49 23.23
C SER A 270 4.17 8.68 23.45
N VAL A 271 2.93 8.44 23.86
CA VAL A 271 1.96 9.52 23.96
C VAL A 271 2.32 10.45 25.11
N GLY A 272 2.12 11.75 24.88
CA GLY A 272 2.35 12.77 25.88
C GLY A 272 3.14 13.96 25.37
N SER A 273 3.06 15.07 26.09
CA SER A 273 3.76 16.30 25.73
C SER A 273 5.05 16.43 26.51
N SER A 274 5.83 17.46 26.15
CA SER A 274 7.07 17.79 26.85
C SER A 274 8.00 16.58 26.90
N GLY A 275 8.08 15.85 25.79
CA GLY A 275 8.79 14.60 25.79
C GLY A 275 10.30 14.77 25.91
N THR A 276 10.91 13.88 26.68
CA THR A 276 12.36 13.74 26.75
C THR A 276 12.68 12.25 26.71
N PHE A 277 13.96 11.93 26.52
CA PHE A 277 14.35 10.52 26.47
C PHE A 277 15.81 10.35 26.85
N SER A 278 16.13 9.14 27.27
CA SER A 278 17.48 8.75 27.62
C SER A 278 17.68 7.30 27.23
N TYR A 279 18.90 6.96 26.80
CA TYR A 279 19.25 5.61 26.41
C TYR A 279 20.45 5.14 27.23
N ASN A 280 20.29 4.00 27.90
CA ASN A 280 21.33 3.47 28.76
C ASN A 280 22.18 2.47 27.98
N THR A 281 23.47 2.81 27.81
CA THR A 281 24.36 1.95 27.02
C THR A 281 24.67 0.63 27.70
N GLN A 282 24.51 0.55 29.03
CA GLN A 282 24.84 -0.68 29.73
C GLN A 282 23.71 -1.70 29.66
N THR A 283 22.47 -1.24 29.79
CA THR A 283 21.29 -2.11 29.78
C THR A 283 20.58 -2.16 28.43
N GLY A 284 20.89 -1.24 27.53
CA GLY A 284 20.20 -1.21 26.25
C GLY A 284 18.77 -0.74 26.32
N ILE A 285 18.39 -0.07 27.41
CA ILE A 285 17.01 0.33 27.63
C ILE A 285 16.82 1.78 27.25
N LEU A 286 15.77 2.05 26.47
CA LEU A 286 15.39 3.39 26.08
C LEU A 286 14.24 3.85 26.96
N THR A 287 14.45 4.94 27.69
CA THR A 287 13.46 5.49 28.60
C THR A 287 12.91 6.79 28.03
N VAL A 288 11.60 6.85 27.83
CA VAL A 288 10.92 8.03 27.31
C VAL A 288 10.02 8.57 28.40
N THR A 289 10.08 9.88 28.62
CA THR A 289 9.30 10.53 29.67
C THR A 289 8.49 11.67 29.05
N THR A 290 7.17 11.55 29.14
CA THR A 290 6.26 12.64 28.80
C THR A 290 5.51 13.02 30.08
N ASN A 291 4.20 12.72 30.14
CA ASN A 291 3.51 12.72 31.42
C ASN A 291 3.55 11.34 32.08
N GLY A 292 4.08 10.33 31.38
CA GLY A 292 4.35 9.05 31.97
C GLY A 292 5.68 8.51 31.49
N VAL A 293 6.10 7.40 32.08
CA VAL A 293 7.41 6.82 31.80
C VAL A 293 7.21 5.56 30.97
N TYR A 294 7.83 5.55 29.79
CA TYR A 294 7.81 4.41 28.88
C TYR A 294 9.23 3.86 28.79
N SER A 295 9.38 2.54 28.95
CA SER A 295 10.70 1.91 28.92
C SER A 295 10.70 0.82 27.86
N TYR A 296 11.65 0.93 26.93
CA TYR A 296 11.79 -0.02 25.83
C TYR A 296 13.18 -0.62 25.86
N ASP A 297 13.25 -1.96 25.90
CA ASP A 297 14.50 -2.68 25.73
C ASP A 297 14.73 -2.83 24.23
N ILE A 298 15.60 -2.00 23.66
CA ILE A 298 15.89 -2.06 22.23
C ILE A 298 17.20 -2.78 21.94
N GLY A 299 18.00 -3.06 22.96
CA GLY A 299 19.29 -3.71 22.81
C GLY A 299 20.44 -2.75 23.04
N CYS A 300 21.60 -3.33 23.33
CA CYS A 300 22.82 -2.55 23.47
C CYS A 300 23.47 -2.32 22.10
N GLY A 301 24.46 -1.43 22.07
CA GLY A 301 25.22 -1.16 20.87
C GLY A 301 24.86 0.12 20.14
N TYR A 302 23.76 0.77 20.52
CA TYR A 302 23.35 2.01 19.88
C TYR A 302 24.16 3.18 20.40
N ASN A 303 24.40 4.16 19.52
CA ASN A 303 25.06 5.40 19.92
C ASN A 303 23.99 6.41 20.34
N PRO A 304 23.96 6.83 21.61
CA PRO A 304 22.91 7.78 22.03
C PRO A 304 23.10 9.18 21.50
N ALA A 305 24.33 9.56 21.14
CA ALA A 305 24.59 10.90 20.63
C ALA A 305 23.93 11.13 19.27
N LEU A 306 23.62 10.07 18.53
CA LEU A 306 22.99 10.20 17.22
C LEU A 306 21.48 10.25 17.31
N MET A 307 20.89 9.86 18.44
CA MET A 307 19.44 9.80 18.57
C MET A 307 18.84 11.19 18.72
N SER A 308 17.58 11.31 18.30
CA SER A 308 16.84 12.56 18.47
C SER A 308 15.37 12.23 18.67
N GLY A 309 14.63 13.22 19.15
CA GLY A 309 13.21 13.06 19.35
C GLY A 309 12.46 14.30 18.92
N GLN A 310 11.17 14.12 18.68
CA GLN A 310 10.33 15.24 18.25
C GLN A 310 8.88 14.94 18.56
N GLN A 311 8.13 16.01 18.82
CA GLN A 311 6.70 15.90 19.09
C GLN A 311 5.93 15.85 17.78
N GLU A 312 5.01 14.91 17.68
CA GLU A 312 4.07 14.85 16.57
C GLU A 312 2.69 14.55 17.13
N THR A 313 1.72 14.41 16.23
CA THR A 313 0.35 14.12 16.59
C THR A 313 -0.07 12.82 15.92
N LEU A 314 -0.60 11.88 16.71
CA LEU A 314 -1.12 10.64 16.17
C LEU A 314 -2.62 10.58 16.39
N SER A 315 -3.27 9.68 15.68
CA SER A 315 -4.70 9.45 15.81
C SER A 315 -4.93 8.02 16.28
N PHE A 316 -5.75 7.86 17.32
CA PHE A 316 -6.03 6.55 17.88
C PHE A 316 -7.49 6.50 18.29
N GLN A 317 -8.22 5.51 17.79
CA GLN A 317 -9.65 5.35 18.07
C GLN A 317 -10.39 6.67 17.92
N GLY A 318 -10.08 7.40 16.85
CA GLY A 318 -10.81 8.59 16.50
C GLY A 318 -10.47 9.83 17.28
N ASN A 319 -9.38 9.83 18.04
CA ASN A 319 -8.97 10.99 18.82
C ASN A 319 -7.49 11.28 18.56
N LEU A 320 -7.15 12.57 18.60
CA LEU A 320 -5.78 13.00 18.38
C LEU A 320 -5.04 13.09 19.70
N TYR A 321 -3.78 12.65 19.69
CA TYR A 321 -2.93 12.66 20.87
C TYR A 321 -1.58 13.27 20.52
N ASP A 322 -1.09 14.14 21.40
CA ASP A 322 0.29 14.58 21.29
C ASP A 322 1.19 13.41 21.63
N THR A 323 2.23 13.20 20.83
CA THR A 323 3.07 12.02 20.96
C THR A 323 4.53 12.41 20.76
N PHE A 324 5.42 11.79 21.53
CA PHE A 324 6.85 12.03 21.42
C PHE A 324 7.50 10.85 20.69
N LEU A 325 8.18 11.15 19.60
CA LEU A 325 8.81 10.15 18.75
C LEU A 325 10.30 10.10 19.02
N VAL A 326 10.88 8.89 19.01
CA VAL A 326 12.32 8.70 19.15
C VAL A 326 12.85 8.16 17.83
N LEU A 327 13.81 8.88 17.24
CA LEU A 327 14.51 8.46 16.03
C LEU A 327 15.96 8.16 16.41
N VAL A 328 16.35 6.89 16.28
CA VAL A 328 17.71 6.51 16.66
C VAL A 328 18.72 6.99 15.61
N ASN A 329 18.30 7.14 14.36
CA ASN A 329 19.12 7.75 13.32
C ASN A 329 20.43 6.98 13.10
N GLN A 330 20.32 5.67 13.02
CA GLN A 330 21.49 4.82 12.82
C GLN A 330 21.02 3.41 12.47
N PRO A 331 21.92 2.58 11.95
CA PRO A 331 21.55 1.19 11.64
C PRO A 331 21.42 0.36 12.92
N ILE A 332 20.89 -0.84 12.74
CA ILE A 332 20.85 -1.84 13.81
C ILE A 332 22.29 -2.20 14.16
N PRO A 333 22.72 -2.07 15.42
CA PRO A 333 24.08 -2.48 15.77
C PRO A 333 24.34 -3.93 15.40
N SER A 334 25.60 -4.22 15.07
CA SER A 334 25.99 -5.59 14.73
C SER A 334 25.84 -6.54 15.90
N ASP A 335 26.05 -6.05 17.12
CA ASP A 335 25.95 -6.87 18.32
C ASP A 335 25.05 -6.15 19.32
N LEU A 336 23.90 -6.76 19.63
CA LEU A 336 22.92 -6.17 20.53
C LEU A 336 23.08 -6.66 21.97
N THR A 337 24.06 -7.50 22.25
CA THR A 337 24.25 -8.03 23.59
C THR A 337 24.82 -6.97 24.52
N CYS A 338 24.38 -7.03 25.78
CA CYS A 338 24.82 -6.06 26.79
C CYS A 338 25.91 -6.66 27.68
N ALA A 339 26.79 -5.79 28.15
CA ALA A 339 27.90 -6.22 29.00
C ALA A 339 27.38 -6.65 30.37
N ALA A 340 28.00 -7.70 30.91
CA ALA A 340 27.63 -8.20 32.23
C ALA A 340 28.33 -7.41 33.33
N GLY B 33 33.61 13.20 -28.66
CA GLY B 33 33.59 12.75 -27.28
C GLY B 33 32.37 11.92 -26.96
N SER B 34 32.55 10.60 -26.96
CA SER B 34 31.45 9.68 -26.69
C SER B 34 31.95 8.56 -25.77
N LEU B 35 31.12 8.22 -24.80
CA LEU B 35 31.39 7.09 -23.90
C LEU B 35 30.60 5.90 -24.39
N ASP B 36 31.30 4.84 -24.79
CA ASP B 36 30.69 3.63 -25.34
C ASP B 36 30.83 2.49 -24.35
N ILE B 37 29.70 1.95 -23.91
CA ILE B 37 29.66 0.83 -22.98
C ILE B 37 29.42 -0.42 -23.81
N LEU B 38 30.50 -1.19 -24.04
CA LEU B 38 30.44 -2.34 -24.94
C LEU B 38 30.53 -3.67 -24.20
N THR B 39 30.88 -3.66 -22.92
CA THR B 39 30.80 -4.84 -22.07
C THR B 39 30.16 -4.42 -20.75
N PRO B 40 29.68 -5.37 -19.97
CA PRO B 40 29.02 -5.01 -18.70
C PRO B 40 29.95 -4.20 -17.81
N THR B 41 29.52 -2.99 -17.48
CA THR B 41 30.36 -2.02 -16.80
C THR B 41 29.64 -1.50 -15.55
N THR B 42 30.40 -1.31 -14.48
CA THR B 42 29.88 -0.78 -13.22
C THR B 42 30.67 0.46 -12.82
N LEU B 43 29.96 1.54 -12.55
CA LEU B 43 30.54 2.77 -12.02
C LEU B 43 30.05 2.97 -10.60
N THR B 44 30.83 3.72 -9.81
CA THR B 44 30.45 4.02 -8.44
C THR B 44 30.55 5.52 -8.21
N GLY B 45 29.71 6.01 -7.28
CA GLY B 45 29.72 7.41 -6.91
C GLY B 45 28.84 8.26 -7.80
N ASP B 46 28.84 9.56 -7.51
CA ASP B 46 28.11 10.50 -8.35
C ASP B 46 28.68 10.46 -9.76
N GLN B 47 27.84 10.71 -10.75
CA GLN B 47 28.26 10.72 -12.14
C GLN B 47 27.61 11.91 -12.84
N THR B 48 28.41 12.68 -13.57
CA THR B 48 27.91 13.73 -14.45
C THR B 48 28.52 13.48 -15.83
N PHE B 49 27.66 13.15 -16.80
CA PHE B 49 28.10 12.82 -18.15
C PHE B 49 27.89 14.06 -19.02
N ASN B 50 28.97 14.79 -19.29
CA ASN B 50 28.94 15.91 -20.22
C ASN B 50 29.31 15.49 -21.63
N GLU B 51 29.38 14.19 -21.90
CA GLU B 51 29.60 13.67 -23.23
C GLU B 51 28.45 12.75 -23.60
N ASP B 52 28.31 12.48 -24.89
CA ASP B 52 27.31 11.51 -25.33
C ASP B 52 27.64 10.14 -24.74
N VAL B 53 26.61 9.42 -24.33
CA VAL B 53 26.76 8.07 -23.79
C VAL B 53 25.97 7.11 -24.66
N SER B 54 26.65 6.09 -25.18
CA SER B 54 26.02 5.04 -25.96
C SER B 54 26.26 3.70 -25.26
N VAL B 55 25.19 3.06 -24.83
CA VAL B 55 25.27 1.81 -24.09
C VAL B 55 24.79 0.68 -24.99
N VAL B 56 25.69 -0.24 -25.33
CA VAL B 56 25.38 -1.38 -26.17
C VAL B 56 25.25 -2.63 -25.32
N SER B 57 25.95 -2.65 -24.19
CA SER B 57 25.92 -3.77 -23.25
C SER B 57 25.12 -3.33 -22.03
N SER B 58 25.60 -3.53 -20.80
CA SER B 58 24.91 -3.08 -19.61
C SER B 58 25.79 -2.10 -18.85
N LEU B 59 25.16 -1.02 -18.38
CA LEU B 59 25.81 -0.04 -17.52
C LEU B 59 25.07 -0.04 -16.19
N THR B 60 25.83 -0.14 -15.10
CA THR B 60 25.27 -0.10 -13.75
C THR B 60 25.93 1.03 -12.98
N LEU B 61 25.12 1.91 -12.42
CA LEU B 61 25.60 3.03 -11.61
C LEU B 61 25.20 2.76 -10.17
N ASN B 62 26.19 2.60 -9.30
CA ASN B 62 25.95 2.30 -7.90
C ASN B 62 26.46 3.42 -7.00
N ASP B 63 25.77 3.61 -5.88
CA ASP B 63 26.33 4.34 -4.73
C ASP B 63 26.59 5.81 -5.04
N GLY B 64 25.78 6.41 -5.91
CA GLY B 64 25.83 7.83 -6.16
C GLY B 64 24.57 8.53 -5.65
N SER B 65 24.74 9.77 -5.19
CA SER B 65 23.59 10.57 -4.81
C SER B 65 23.02 11.37 -5.97
N GLN B 66 23.77 11.53 -7.05
CA GLN B 66 23.22 12.22 -8.21
C GLN B 66 23.84 11.65 -9.47
N TYR B 67 22.98 11.34 -10.44
CA TYR B 67 23.38 10.87 -11.75
C TYR B 67 22.79 11.84 -12.77
N LEU B 68 23.65 12.50 -13.55
CA LEU B 68 23.22 13.52 -14.51
C LEU B 68 23.72 13.14 -15.90
N PHE B 69 22.81 12.99 -16.85
CA PHE B 69 23.15 12.81 -18.26
C PHE B 69 22.81 14.12 -18.96
N ASN B 70 23.83 14.93 -19.24
CA ASN B 70 23.62 16.26 -19.79
C ASN B 70 23.52 16.27 -21.31
N ASN B 71 23.90 15.19 -21.98
CA ASN B 71 23.86 15.13 -23.43
C ASN B 71 23.09 13.89 -23.87
N LEU B 72 23.53 13.22 -24.93
CA LEU B 72 22.82 12.05 -25.39
C LEU B 72 23.02 10.89 -24.43
N LEU B 73 21.93 10.16 -24.18
CA LEU B 73 21.98 8.83 -23.59
C LEU B 73 21.28 7.89 -24.56
N GLN B 74 22.04 7.06 -25.24
CA GLN B 74 21.51 6.10 -26.19
C GLN B 74 21.70 4.70 -25.63
N ILE B 75 20.61 3.96 -25.54
CA ILE B 75 20.61 2.57 -25.08
C ILE B 75 20.06 1.73 -26.22
N ALA B 76 20.93 0.95 -26.85
CA ALA B 76 20.53 0.13 -27.99
C ALA B 76 21.62 -0.89 -28.28
N PRO B 77 21.28 -2.10 -28.75
CA PRO B 77 19.94 -2.57 -29.14
C PRO B 77 19.07 -2.97 -27.96
N SER B 78 18.00 -3.74 -28.21
CA SER B 78 17.01 -4.02 -27.18
C SER B 78 17.60 -4.78 -26.01
N SER B 79 18.75 -5.42 -26.19
CA SER B 79 19.41 -6.15 -25.11
C SER B 79 20.24 -5.25 -24.19
N ALA B 80 20.48 -4.00 -24.58
CA ALA B 80 21.27 -3.12 -23.74
C ALA B 80 20.47 -2.66 -22.52
N SER B 81 21.18 -2.20 -21.50
CA SER B 81 20.48 -1.74 -20.31
C SER B 81 21.32 -0.74 -19.54
N VAL B 82 20.63 0.15 -18.84
CA VAL B 82 21.23 1.04 -17.86
C VAL B 82 20.44 0.88 -16.57
N THR B 83 21.13 0.61 -15.47
CA THR B 83 20.51 0.48 -14.16
C THR B 83 21.18 1.47 -13.23
N ALA B 84 20.43 2.43 -12.74
CA ALA B 84 20.94 3.51 -11.90
C ALA B 84 20.38 3.29 -10.50
N ASN B 85 21.26 2.92 -9.57
CA ASN B 85 20.87 2.57 -8.21
C ASN B 85 21.31 3.69 -7.27
N ALA B 86 20.35 4.30 -6.59
CA ALA B 86 20.66 5.37 -5.66
C ALA B 86 21.53 4.86 -4.52
N LEU B 87 22.45 5.72 -4.08
CA LEU B 87 23.17 5.48 -2.83
C LEU B 87 22.20 5.32 -1.68
N ALA B 88 22.44 4.32 -0.84
CA ALA B 88 21.56 3.98 0.27
C ALA B 88 21.79 4.90 1.47
N ALA B 89 20.78 4.97 2.33
CA ALA B 89 20.75 5.91 3.46
C ALA B 89 20.77 7.31 2.90
N VAL B 90 21.82 8.09 3.16
CA VAL B 90 22.00 9.43 2.57
C VAL B 90 20.68 10.20 2.70
N SER B 91 20.61 11.40 2.14
CA SER B 91 19.41 12.23 2.25
C SER B 91 18.73 12.47 0.91
N VAL B 92 19.43 13.00 -0.10
CA VAL B 92 18.81 13.44 -1.35
C VAL B 92 19.38 12.64 -2.51
N PHE B 93 18.49 12.08 -3.34
CA PHE B 93 18.88 11.38 -4.54
C PHE B 93 18.33 12.13 -5.76
N THR B 94 19.17 12.29 -6.77
CA THR B 94 18.77 12.99 -8.00
C THR B 94 19.16 12.13 -9.20
N PHE B 95 18.19 11.91 -10.09
CA PHE B 95 18.45 11.39 -11.42
C PHE B 95 17.93 12.43 -12.41
N SER B 96 18.79 12.89 -13.33
CA SER B 96 18.45 14.03 -14.16
C SER B 96 18.79 13.77 -15.64
N LEU B 97 17.81 14.03 -16.50
CA LEU B 97 18.02 14.22 -17.94
C LEU B 97 17.52 15.62 -18.24
N PRO B 98 18.36 16.65 -18.14
CA PRO B 98 17.89 18.02 -18.27
C PRO B 98 17.56 18.38 -19.71
N PRO B 99 17.09 19.60 -19.98
CA PRO B 99 16.64 19.93 -21.35
C PRO B 99 17.75 19.92 -22.38
N SER B 100 19.02 19.94 -21.96
CA SER B 100 20.12 19.83 -22.91
C SER B 100 20.36 18.39 -23.35
N SER B 101 19.73 17.42 -22.72
CA SER B 101 19.98 16.01 -22.99
C SER B 101 18.97 15.45 -23.99
N SER B 102 19.23 14.21 -24.39
CA SER B 102 18.31 13.46 -25.23
C SER B 102 18.38 12.00 -24.83
N LEU B 103 17.22 11.35 -24.77
CA LEU B 103 17.13 9.94 -24.42
C LEU B 103 16.64 9.17 -25.64
N SER B 104 17.42 8.18 -26.06
CA SER B 104 17.06 7.27 -27.15
C SER B 104 17.23 5.85 -26.63
N ASN B 105 16.13 5.22 -26.21
CA ASN B 105 16.18 3.92 -25.56
C ASN B 105 15.40 2.89 -26.38
N SER B 106 16.09 1.88 -26.89
CA SER B 106 15.45 0.66 -27.36
C SER B 106 15.66 -0.51 -26.40
N GLY B 107 16.50 -0.35 -25.38
CA GLY B 107 16.75 -1.37 -24.38
C GLY B 107 15.94 -1.13 -23.12
N THR B 108 16.60 -1.29 -21.97
CA THR B 108 15.97 -1.16 -20.67
C THR B 108 16.70 -0.10 -19.86
N LEU B 109 15.94 0.87 -19.35
CA LEU B 109 16.45 1.87 -18.42
C LEU B 109 15.71 1.69 -17.11
N ILE B 110 16.44 1.39 -16.03
CA ILE B 110 15.86 1.25 -14.70
C ILE B 110 16.46 2.32 -13.80
N ILE B 111 15.58 3.07 -13.14
CA ILE B 111 15.98 4.07 -12.16
C ILE B 111 15.44 3.59 -10.83
N SER B 112 16.33 3.23 -9.91
CA SER B 112 15.98 2.51 -8.69
C SER B 112 16.47 3.27 -7.47
N ASN B 113 15.58 3.49 -6.50
CA ASN B 113 15.94 4.17 -5.26
C ASN B 113 15.38 3.37 -4.10
N SER B 114 16.25 2.72 -3.34
CA SER B 114 15.82 1.95 -2.18
C SER B 114 15.61 2.81 -0.95
N ASN B 115 15.94 4.10 -1.00
CA ASN B 115 15.71 4.96 0.15
C ASN B 115 14.21 5.10 0.39
N THR B 116 13.81 5.05 1.66
CA THR B 116 12.39 5.04 2.00
C THR B 116 12.21 5.71 3.35
N GLY B 117 10.97 6.09 3.65
CA GLY B 117 10.65 6.74 4.88
C GLY B 117 10.20 8.17 4.68
N PRO B 118 9.56 8.75 5.71
CA PRO B 118 8.94 10.08 5.55
C PRO B 118 9.92 11.22 5.32
N SER B 119 11.22 11.03 5.56
CA SER B 119 12.21 12.06 5.35
C SER B 119 12.97 11.90 4.04
N THR B 120 12.58 10.93 3.21
CA THR B 120 13.25 10.72 1.94
C THR B 120 13.02 11.91 1.03
N GLU B 121 14.07 12.35 0.33
CA GLU B 121 13.94 13.37 -0.70
C GLU B 121 14.59 12.86 -1.97
N GLN B 122 13.83 12.83 -3.06
CA GLN B 122 14.36 12.40 -4.34
C GLN B 122 13.87 13.35 -5.43
N HIS B 123 14.68 13.49 -6.47
CA HIS B 123 14.34 14.31 -7.62
C HIS B 123 14.71 13.49 -8.86
N ILE B 124 13.71 12.88 -9.48
CA ILE B 124 13.88 12.14 -10.72
C ILE B 124 13.20 12.97 -11.80
N VAL B 125 14.00 13.62 -12.63
CA VAL B 125 13.55 14.71 -13.49
C VAL B 125 13.98 14.35 -14.90
N ILE B 126 13.06 13.82 -15.68
CA ILE B 126 13.33 13.36 -17.04
C ILE B 126 12.69 14.37 -17.98
N THR B 127 13.48 15.37 -18.39
CA THR B 127 12.97 16.47 -19.22
C THR B 127 13.95 16.75 -20.37
N PRO B 128 14.39 15.71 -21.07
CA PRO B 128 15.30 15.93 -22.20
C PRO B 128 14.59 16.68 -23.31
N ASN B 129 15.38 17.12 -24.29
CA ASN B 129 14.80 17.73 -25.48
C ASN B 129 13.94 16.71 -26.22
N VAL B 130 14.42 15.48 -26.34
CA VAL B 130 13.68 14.39 -26.95
C VAL B 130 13.76 13.19 -26.02
N MET B 131 12.61 12.59 -25.74
CA MET B 131 12.48 11.38 -24.95
C MET B 131 11.89 10.33 -25.87
N ALA B 132 12.73 9.44 -26.41
CA ALA B 132 12.31 8.44 -27.38
C ALA B 132 12.53 7.06 -26.80
N ASN B 133 11.44 6.32 -26.62
CA ASN B 133 11.48 5.00 -25.99
C ASN B 133 10.77 3.99 -26.86
N THR B 134 11.52 3.00 -27.34
CA THR B 134 10.93 1.81 -27.94
C THR B 134 11.14 0.57 -27.09
N GLY B 135 11.81 0.71 -25.95
CA GLY B 135 12.05 -0.40 -25.06
C GLY B 135 11.29 -0.23 -23.75
N THR B 136 11.97 -0.40 -22.64
CA THR B 136 11.36 -0.37 -21.32
C THR B 136 12.08 0.66 -20.45
N ILE B 137 11.31 1.54 -19.82
CA ILE B 137 11.81 2.45 -18.81
C ILE B 137 11.03 2.15 -17.54
N THR B 138 11.74 1.85 -16.47
CA THR B 138 11.08 1.50 -15.22
C THR B 138 11.61 2.38 -14.10
N LEU B 139 10.70 3.09 -13.45
CA LEU B 139 10.96 3.85 -12.25
C LEU B 139 10.58 2.96 -11.07
N SER B 140 11.57 2.60 -10.25
CA SER B 140 11.40 1.57 -9.21
C SER B 140 11.82 2.19 -7.88
N LEU B 141 10.85 2.61 -7.08
CA LEU B 141 11.12 3.44 -5.91
C LEU B 141 10.55 2.81 -4.64
N ALA B 142 11.32 2.93 -3.56
CA ALA B 142 10.85 2.50 -2.25
C ALA B 142 10.11 3.61 -1.50
N HIS B 143 10.30 4.86 -1.91
CA HIS B 143 9.57 6.00 -1.35
C HIS B 143 8.52 6.42 -2.37
N THR B 144 7.27 5.99 -2.14
CA THR B 144 6.16 6.29 -3.02
C THR B 144 5.12 7.22 -2.38
N ASN B 145 5.14 7.36 -1.06
CA ASN B 145 4.22 8.27 -0.40
C ASN B 145 4.47 9.71 -0.84
N THR B 146 3.43 10.54 -0.75
CA THR B 146 3.61 11.97 -0.92
C THR B 146 4.50 12.52 0.20
N ASP B 147 5.18 13.60 -0.09
CA ASP B 147 6.04 14.24 0.90
C ASP B 147 6.05 15.74 0.63
N SER B 148 6.97 16.44 1.28
CA SER B 148 7.00 17.89 1.19
C SER B 148 7.85 18.42 0.05
N SER B 149 8.82 17.62 -0.45
CA SER B 149 9.87 18.20 -1.27
C SER B 149 10.30 17.39 -2.49
N SER B 150 9.90 16.12 -2.63
CA SER B 150 10.41 15.33 -3.76
C SER B 150 9.71 15.75 -5.05
N THR B 151 10.39 15.50 -6.17
CA THR B 151 9.79 15.71 -7.48
C THR B 151 10.02 14.47 -8.34
N LEU B 152 8.95 14.02 -9.00
CA LEU B 152 8.99 12.94 -9.98
C LEU B 152 8.38 13.49 -11.25
N ILE B 153 9.20 13.74 -12.27
CA ILE B 153 8.78 14.54 -13.42
C ILE B 153 9.21 13.84 -14.70
N ILE B 154 8.26 13.67 -15.62
CA ILE B 154 8.57 13.28 -17.00
C ILE B 154 7.95 14.38 -17.86
N ASP B 155 8.78 15.29 -18.37
CA ASP B 155 8.29 16.46 -19.10
C ASP B 155 9.33 16.90 -20.12
N PRO B 156 9.63 16.07 -21.11
CA PRO B 156 10.53 16.49 -22.18
C PRO B 156 9.82 17.49 -23.10
N VAL B 157 10.59 18.05 -24.02
CA VAL B 157 9.95 18.85 -25.08
C VAL B 157 9.13 17.94 -25.98
N THR B 158 9.76 16.88 -26.49
CA THR B 158 9.10 15.89 -27.32
C THR B 158 9.14 14.52 -26.65
N PHE B 159 8.00 13.83 -26.69
CA PHE B 159 7.82 12.55 -26.00
C PHE B 159 7.31 11.53 -27.01
N TYR B 160 8.06 10.44 -27.18
CA TYR B 160 7.73 9.36 -28.12
C TYR B 160 7.89 8.04 -27.38
N ASN B 161 6.79 7.29 -27.23
CA ASN B 161 6.83 6.00 -26.54
C ASN B 161 6.07 4.95 -27.34
N THR B 162 6.81 4.02 -27.95
CA THR B 162 6.21 2.80 -28.50
C THR B 162 6.43 1.60 -27.60
N GLY B 163 7.20 1.75 -26.54
CA GLY B 163 7.50 0.66 -25.61
C GLY B 163 6.67 0.73 -24.36
N THR B 164 7.29 0.43 -23.23
CA THR B 164 6.62 0.38 -21.94
C THR B 164 7.34 1.30 -20.98
N ILE B 165 6.58 2.13 -20.28
CA ILE B 165 7.08 3.00 -19.21
C ILE B 165 6.35 2.61 -17.95
N ASN B 166 7.10 2.18 -16.93
CA ASN B 166 6.55 1.66 -15.69
C ASN B 166 6.92 2.53 -14.50
N TYR B 167 5.98 2.69 -13.56
CA TYR B 167 6.29 3.20 -12.23
C TYR B 167 5.89 2.09 -11.26
N GLU B 168 6.87 1.50 -10.60
N GLU B 168 6.88 1.54 -10.57
CA GLU B 168 6.65 0.39 -9.70
CA GLU B 168 6.71 0.38 -9.71
C GLU B 168 7.16 0.74 -8.31
C GLU B 168 7.18 0.73 -8.30
N SER B 169 6.62 0.04 -7.31
CA SER B 169 7.04 0.23 -5.93
C SER B 169 7.92 -0.93 -5.49
N ILE B 170 9.01 -0.60 -4.81
CA ILE B 170 9.81 -1.60 -4.12
C ILE B 170 9.81 -1.34 -2.61
N GLY B 171 8.85 -0.55 -2.13
CA GLY B 171 8.73 -0.24 -0.73
C GLY B 171 7.47 -0.79 -0.11
N SER B 172 7.30 -0.49 1.17
CA SER B 172 6.14 -0.93 1.93
C SER B 172 5.56 0.22 2.74
N GLU B 173 5.68 1.44 2.24
CA GLU B 173 5.23 2.61 3.00
C GLU B 173 3.73 2.59 3.20
N THR B 174 3.30 3.17 4.32
CA THR B 174 1.90 3.30 4.68
C THR B 174 1.67 4.70 5.23
N ASN B 175 0.44 4.96 5.66
CA ASN B 175 0.10 6.20 6.35
C ASN B 175 0.56 7.42 5.56
N ASP B 176 0.05 7.50 4.34
CA ASP B 176 0.43 8.62 3.48
C ASP B 176 0.02 9.93 4.14
N PRO B 177 0.88 10.96 4.11
CA PRO B 177 0.53 12.24 4.74
C PRO B 177 -0.27 13.20 3.88
N SER B 178 -0.67 12.79 2.67
CA SER B 178 -1.52 13.61 1.80
C SER B 178 -0.89 14.98 1.55
N LEU B 179 0.38 14.97 1.15
CA LEU B 179 1.10 16.19 0.80
C LEU B 179 1.22 16.29 -0.72
N THR B 180 1.87 17.37 -1.19
CA THR B 180 1.93 17.68 -2.61
C THR B 180 3.18 17.17 -3.31
N GLY B 181 4.22 16.77 -2.57
CA GLY B 181 5.44 16.31 -3.18
C GLY B 181 5.41 14.82 -3.52
N ASN B 182 6.35 14.43 -4.39
CA ASN B 182 6.58 13.03 -4.76
C ASN B 182 5.40 12.42 -5.51
N ILE B 183 4.71 13.23 -6.31
CA ILE B 183 3.63 12.77 -7.18
C ILE B 183 4.16 12.77 -8.61
N LEU B 184 4.23 11.59 -9.23
CA LEU B 184 4.70 11.51 -10.60
C LEU B 184 3.81 12.35 -11.50
N SER B 185 4.41 13.29 -12.22
CA SER B 185 3.69 14.23 -13.05
C SER B 185 4.21 14.12 -14.47
N ILE B 186 3.31 13.82 -15.41
CA ILE B 186 3.67 13.49 -16.79
C ILE B 186 3.23 14.63 -17.68
N GLY B 187 4.18 15.23 -18.40
CA GLY B 187 3.87 16.27 -19.35
C GLY B 187 3.66 17.64 -18.72
N SER B 188 3.26 18.58 -19.57
CA SER B 188 3.00 19.94 -19.13
C SER B 188 2.02 20.57 -20.10
N SER B 189 1.40 21.66 -19.66
CA SER B 189 0.37 22.32 -20.45
C SER B 189 0.95 22.79 -21.77
N GLY B 190 0.31 22.40 -22.86
CA GLY B 190 0.72 22.82 -24.19
C GLY B 190 1.68 21.90 -24.90
N ARG B 191 2.27 20.94 -24.20
CA ARG B 191 3.12 19.94 -24.83
C ARG B 191 2.30 18.67 -25.05
N THR B 192 2.68 17.91 -26.08
CA THR B 192 2.00 16.67 -26.39
C THR B 192 2.89 15.49 -26.06
N LEU B 193 2.26 14.32 -25.91
CA LEU B 193 2.94 13.09 -25.54
C LEU B 193 2.47 12.01 -26.52
N GLN B 194 3.35 11.59 -27.43
CA GLN B 194 3.00 10.52 -28.37
C GLN B 194 3.18 9.18 -27.67
N ASN B 195 2.09 8.65 -27.12
CA ASN B 195 2.12 7.36 -26.43
C ASN B 195 1.45 6.32 -27.33
N LEU B 196 2.27 5.66 -28.15
CA LEU B 196 1.79 4.54 -28.95
C LEU B 196 1.80 3.24 -28.15
N GLY B 197 2.61 3.17 -27.11
CA GLY B 197 2.83 2.00 -26.28
C GLY B 197 2.06 2.10 -24.99
N THR B 198 2.71 1.72 -23.89
CA THR B 198 2.03 1.57 -22.61
C THR B 198 2.73 2.35 -21.51
N ILE B 199 1.93 2.95 -20.65
CA ILE B 199 2.39 3.59 -19.43
C ILE B 199 1.66 2.87 -18.31
N ASN B 200 2.42 2.26 -17.39
CA ASN B 200 1.90 1.45 -16.30
C ASN B 200 2.15 2.17 -14.99
N LEU B 201 1.08 2.51 -14.28
CA LEU B 201 1.15 3.31 -13.08
C LEU B 201 0.73 2.37 -11.95
N ASN B 202 1.71 1.92 -11.17
CA ASN B 202 1.49 0.81 -10.25
C ASN B 202 2.32 0.99 -8.98
N ALA B 203 2.27 2.17 -8.36
CA ALA B 203 3.19 2.43 -7.26
C ALA B 203 2.66 3.29 -6.12
N ALA B 204 1.68 4.15 -6.37
CA ALA B 204 1.43 5.26 -5.46
C ALA B 204 -0.06 5.55 -5.34
N ASN B 205 -0.38 6.50 -4.45
CA ASN B 205 -1.76 6.91 -4.27
C ASN B 205 -2.26 7.75 -5.42
N SER B 206 -1.36 8.47 -6.10
CA SER B 206 -1.80 9.42 -7.12
C SER B 206 -0.71 9.61 -8.16
N TYR B 207 -1.16 10.01 -9.35
CA TYR B 207 -0.31 10.42 -10.46
C TYR B 207 -1.03 11.55 -11.17
N TYR B 208 -0.26 12.45 -11.78
CA TYR B 208 -0.80 13.61 -12.49
C TYR B 208 -0.45 13.52 -13.96
N LEU B 209 -1.43 13.75 -14.83
CA LEU B 209 -1.22 13.87 -16.27
C LEU B 209 -1.53 15.31 -16.64
N LEU B 210 -0.50 16.04 -17.07
CA LEU B 210 -0.61 17.46 -17.36
C LEU B 210 -0.36 17.80 -18.82
N GLY B 211 0.25 16.90 -19.59
CA GLY B 211 0.42 17.09 -21.02
C GLY B 211 -0.73 16.49 -21.81
N THR B 212 -0.68 16.71 -23.13
CA THR B 212 -1.70 16.22 -24.05
C THR B 212 -1.26 14.89 -24.65
N ILE B 213 -1.88 13.80 -24.19
CA ILE B 213 -1.66 12.49 -24.77
C ILE B 213 -2.23 12.44 -26.18
N THR B 214 -1.51 11.75 -27.09
CA THR B 214 -2.02 11.46 -28.42
C THR B 214 -1.67 10.03 -28.81
N GLU B 215 -2.21 9.61 -29.96
CA GLU B 215 -1.95 8.33 -30.63
C GLU B 215 -2.99 7.28 -30.25
N ASN B 216 -3.55 6.59 -31.25
CA ASN B 216 -4.70 5.72 -31.04
C ASN B 216 -4.34 4.37 -30.39
N SER B 217 -3.09 3.92 -30.53
CA SER B 217 -2.73 2.59 -30.07
C SER B 217 -2.28 2.54 -28.60
N GLY B 218 -2.10 3.69 -27.96
CA GLY B 218 -1.49 3.71 -26.65
C GLY B 218 -2.45 3.43 -25.52
N SER B 219 -1.86 3.03 -24.39
CA SER B 219 -2.59 2.66 -23.18
C SER B 219 -1.97 3.35 -21.97
N ILE B 220 -2.82 3.79 -21.05
CA ILE B 220 -2.41 4.20 -19.71
C ILE B 220 -3.14 3.28 -18.75
N ASN B 221 -2.39 2.43 -18.07
CA ASN B 221 -2.95 1.41 -17.20
C ASN B 221 -2.78 1.89 -15.77
N VAL B 222 -3.88 2.35 -15.16
CA VAL B 222 -3.89 2.76 -13.77
C VAL B 222 -4.10 1.48 -12.96
N GLN B 223 -3.01 0.91 -12.46
CA GLN B 223 -3.06 -0.40 -11.81
C GLN B 223 -3.14 -0.29 -10.30
N LYS B 224 -2.76 0.84 -9.74
CA LYS B 224 -2.87 1.13 -8.33
C LYS B 224 -2.97 2.65 -8.19
N GLY B 225 -3.89 3.11 -7.36
CA GLY B 225 -4.00 4.54 -7.09
C GLY B 225 -4.93 5.25 -8.05
N PHE B 226 -4.85 6.59 -8.01
CA PHE B 226 -5.75 7.47 -8.73
C PHE B 226 -4.97 8.29 -9.75
N LEU B 227 -5.51 8.39 -10.96
CA LEU B 227 -4.91 9.21 -12.02
C LEU B 227 -5.71 10.48 -12.17
N TYR B 228 -5.05 11.63 -11.99
CA TYR B 228 -5.68 12.94 -12.18
C TYR B 228 -5.20 13.51 -13.50
N VAL B 229 -6.13 14.01 -14.30
CA VAL B 229 -5.81 14.57 -15.61
C VAL B 229 -6.22 16.04 -15.60
N ASN B 230 -5.25 16.93 -15.81
CA ASN B 230 -5.52 18.36 -16.00
C ASN B 230 -4.74 18.78 -17.24
N ALA B 231 -5.31 18.50 -18.41
CA ALA B 231 -4.64 18.72 -19.68
C ALA B 231 -5.57 19.48 -20.62
N LEU B 232 -4.95 20.10 -21.65
CA LEU B 232 -5.73 20.85 -22.62
C LEU B 232 -6.57 19.93 -23.50
N ASP B 233 -6.05 18.76 -23.81
CA ASP B 233 -6.73 17.79 -24.68
C ASP B 233 -6.30 16.40 -24.24
N PHE B 234 -7.09 15.40 -24.63
CA PHE B 234 -6.71 14.00 -24.44
C PHE B 234 -7.19 13.21 -25.66
N ILE B 235 -6.24 12.64 -26.41
CA ILE B 235 -6.52 12.12 -27.75
C ILE B 235 -6.05 10.68 -27.84
N GLY B 236 -6.90 9.83 -28.41
CA GLY B 236 -6.48 8.52 -28.90
C GLY B 236 -6.29 7.40 -27.88
N ASN B 237 -5.56 7.67 -26.80
CA ASN B 237 -5.21 6.62 -25.87
C ASN B 237 -6.45 6.04 -25.18
N THR B 238 -6.28 4.83 -24.64
CA THR B 238 -7.27 4.20 -23.78
C THR B 238 -6.71 4.18 -22.37
N ILE B 239 -7.51 4.60 -21.40
CA ILE B 239 -7.16 4.52 -19.99
C ILE B 239 -7.80 3.27 -19.43
N ASN B 240 -6.98 2.34 -18.94
CA ASN B 240 -7.46 1.07 -18.40
C ASN B 240 -7.39 1.12 -16.89
N LEU B 241 -8.55 1.03 -16.24
CA LEU B 241 -8.62 1.08 -14.78
C LEU B 241 -8.65 -0.32 -14.19
N SER B 242 -7.76 -0.57 -13.22
CA SER B 242 -7.78 -1.80 -12.45
C SER B 242 -8.74 -1.64 -11.27
N THR B 243 -8.88 -2.69 -10.46
CA THR B 243 -9.78 -2.58 -9.33
C THR B 243 -9.24 -1.59 -8.31
N THR B 244 -10.15 -0.95 -7.58
CA THR B 244 -9.85 0.06 -6.57
C THR B 244 -8.90 1.14 -7.09
N THR B 245 -9.10 1.54 -8.35
CA THR B 245 -8.43 2.73 -8.88
C THR B 245 -9.50 3.74 -9.29
N ALA B 246 -9.04 4.93 -9.67
CA ALA B 246 -9.95 5.98 -10.11
C ALA B 246 -9.29 6.82 -11.18
N LEU B 247 -10.12 7.35 -12.07
CA LEU B 247 -9.75 8.38 -13.03
C LEU B 247 -10.49 9.66 -12.66
N ALA B 248 -9.73 10.75 -12.49
CA ALA B 248 -10.30 12.06 -12.18
C ALA B 248 -9.86 13.08 -13.21
N PHE B 249 -10.81 13.66 -13.94
CA PHE B 249 -10.51 14.78 -14.81
C PHE B 249 -10.74 16.08 -14.07
N ILE B 250 -9.68 16.85 -13.87
CA ILE B 250 -9.76 18.15 -13.19
C ILE B 250 -10.42 19.18 -14.09
N SER B 251 -10.20 19.08 -15.40
CA SER B 251 -10.82 19.97 -16.37
C SER B 251 -11.36 19.13 -17.52
N PRO B 252 -12.50 19.49 -18.09
CA PRO B 252 -13.03 18.71 -19.21
C PRO B 252 -12.21 18.94 -20.48
N VAL B 253 -12.08 17.88 -21.28
CA VAL B 253 -11.52 17.99 -22.61
C VAL B 253 -12.64 17.86 -23.62
N SER B 254 -12.41 18.39 -24.83
CA SER B 254 -13.46 18.33 -25.83
C SER B 254 -13.58 16.95 -26.45
N GLN B 255 -12.53 16.14 -26.37
CA GLN B 255 -12.53 14.80 -26.93
C GLN B 255 -13.31 13.83 -26.06
N VAL B 256 -13.91 12.83 -26.71
CA VAL B 256 -14.41 11.66 -26.00
C VAL B 256 -13.23 10.83 -25.53
N VAL B 257 -13.18 10.54 -24.23
CA VAL B 257 -12.03 9.88 -23.61
C VAL B 257 -12.36 8.40 -23.44
N ARG B 258 -11.52 7.54 -24.00
CA ARG B 258 -11.78 6.11 -23.98
C ARG B 258 -11.27 5.52 -22.66
N VAL B 259 -12.16 4.87 -21.93
CA VAL B 259 -11.84 4.27 -20.62
C VAL B 259 -12.36 2.85 -20.63
N ARG B 260 -11.53 1.90 -20.18
CA ARG B 260 -11.94 0.51 -20.11
C ARG B 260 -11.62 -0.04 -18.73
N GLY B 261 -12.23 -1.19 -18.43
CA GLY B 261 -12.12 -1.78 -17.10
C GLY B 261 -13.11 -1.26 -16.10
N VAL B 262 -14.11 -0.48 -16.53
CA VAL B 262 -15.00 0.22 -15.61
C VAL B 262 -16.02 -0.76 -15.05
N PHE B 263 -16.07 -0.88 -13.72
CA PHE B 263 -17.01 -1.77 -13.06
C PHE B 263 -17.13 -1.34 -11.60
N PHE B 264 -17.89 -2.12 -10.82
CA PHE B 264 -18.15 -1.67 -9.45
C PHE B 264 -16.87 -1.43 -8.66
N GLY B 265 -15.73 -1.93 -9.12
CA GLY B 265 -14.48 -1.77 -8.40
C GLY B 265 -13.71 -0.49 -8.63
N ASN B 266 -14.18 0.41 -9.50
CA ASN B 266 -13.41 1.63 -9.77
C ASN B 266 -14.38 2.75 -10.14
N ILE B 267 -13.80 3.93 -10.39
CA ILE B 267 -14.53 5.19 -10.36
C ILE B 267 -14.07 6.07 -11.50
N ILE B 268 -15.01 6.83 -12.08
CA ILE B 268 -14.69 7.96 -12.96
C ILE B 268 -15.21 9.23 -12.31
N ALA B 269 -14.31 10.17 -12.03
CA ALA B 269 -14.64 11.40 -11.33
C ALA B 269 -14.42 12.59 -12.25
N SER B 270 -15.30 13.59 -12.13
CA SER B 270 -15.24 14.82 -12.91
C SER B 270 -15.44 16.01 -11.99
N VAL B 271 -14.51 16.97 -12.06
CA VAL B 271 -14.54 18.10 -11.13
C VAL B 271 -15.77 18.96 -11.41
N GLY B 272 -16.40 19.42 -10.34
CA GLY B 272 -17.53 20.34 -10.44
C GLY B 272 -18.67 19.94 -9.52
N SER B 273 -19.58 20.88 -9.32
CA SER B 273 -20.75 20.72 -8.47
C SER B 273 -21.99 20.46 -9.32
N SER B 274 -23.07 20.07 -8.64
CA SER B 274 -24.37 19.84 -9.27
C SER B 274 -24.25 18.90 -10.46
N GLY B 275 -23.54 17.79 -10.26
CA GLY B 275 -23.26 16.89 -11.34
C GLY B 275 -24.45 16.02 -11.73
N THR B 276 -24.51 15.70 -13.02
CA THR B 276 -25.47 14.77 -13.57
C THR B 276 -24.74 13.87 -14.56
N PHE B 277 -25.34 12.72 -14.89
CA PHE B 277 -24.73 11.80 -15.84
C PHE B 277 -25.80 11.23 -16.76
N SER B 278 -25.35 10.82 -17.96
CA SER B 278 -26.23 10.23 -18.95
C SER B 278 -25.40 9.25 -19.77
N TYR B 279 -25.88 8.01 -19.89
CA TYR B 279 -25.18 6.97 -20.62
C TYR B 279 -25.96 6.63 -21.88
N ASN B 280 -25.29 6.70 -23.02
CA ASN B 280 -25.91 6.41 -24.31
C ASN B 280 -25.69 4.94 -24.64
N THR B 281 -26.77 4.16 -24.62
CA THR B 281 -26.65 2.72 -24.84
C THR B 281 -26.31 2.37 -26.29
N GLN B 282 -26.41 3.34 -27.20
CA GLN B 282 -26.07 3.11 -28.61
C GLN B 282 -24.58 3.25 -28.86
N THR B 283 -23.97 4.29 -28.28
CA THR B 283 -22.58 4.62 -28.55
C THR B 283 -21.63 4.18 -27.43
N GLY B 284 -22.17 3.87 -26.25
CA GLY B 284 -21.33 3.51 -25.13
C GLY B 284 -20.66 4.69 -24.47
N ILE B 285 -21.16 5.89 -24.67
CA ILE B 285 -20.53 7.10 -24.15
C ILE B 285 -21.26 7.56 -22.90
N LEU B 286 -20.51 7.80 -21.85
CA LEU B 286 -21.00 8.34 -20.59
C LEU B 286 -20.70 9.84 -20.57
N THR B 287 -21.75 10.66 -20.51
CA THR B 287 -21.60 12.11 -20.46
C THR B 287 -21.89 12.58 -19.04
N VAL B 288 -20.89 13.20 -18.42
CA VAL B 288 -21.02 13.78 -17.08
C VAL B 288 -21.03 15.30 -17.22
N THR B 289 -21.99 15.95 -16.57
CA THR B 289 -22.13 17.39 -16.65
C THR B 289 -22.13 17.98 -15.26
N THR B 290 -21.15 18.85 -14.99
CA THR B 290 -21.10 19.65 -13.77
C THR B 290 -21.23 21.11 -14.16
N ASN B 291 -20.14 21.87 -14.08
CA ASN B 291 -20.06 23.15 -14.76
C ASN B 291 -19.41 23.02 -16.13
N GLY B 292 -18.91 21.84 -16.48
CA GLY B 292 -18.47 21.53 -17.82
C GLY B 292 -18.97 20.16 -18.23
N VAL B 293 -18.66 19.79 -19.47
CA VAL B 293 -19.15 18.54 -20.06
C VAL B 293 -17.96 17.61 -20.26
N TYR B 294 -17.99 16.47 -19.58
CA TYR B 294 -16.98 15.42 -19.71
C TYR B 294 -17.60 14.24 -20.43
N SER B 295 -16.89 13.69 -21.40
CA SER B 295 -17.40 12.60 -22.24
C SER B 295 -16.44 11.43 -22.18
N TYR B 296 -16.95 10.28 -21.74
CA TYR B 296 -16.15 9.08 -21.55
C TYR B 296 -16.74 7.92 -22.36
N ASP B 297 -15.93 7.37 -23.27
CA ASP B 297 -16.29 6.16 -24.01
C ASP B 297 -15.93 4.97 -23.13
N ILE B 298 -16.92 4.41 -22.43
CA ILE B 298 -16.66 3.28 -21.55
C ILE B 298 -17.05 1.94 -22.17
N GLY B 299 -17.71 1.96 -23.33
CA GLY B 299 -18.15 0.75 -23.99
C GLY B 299 -19.66 0.57 -23.87
N CYS B 300 -20.20 -0.23 -24.79
CA CYS B 300 -21.61 -0.58 -24.77
C CYS B 300 -21.84 -1.77 -23.84
N GLY B 301 -23.12 -2.04 -23.56
CA GLY B 301 -23.50 -3.20 -22.80
C GLY B 301 -23.74 -2.95 -21.34
N TYR B 302 -23.51 -1.74 -20.84
CA TYR B 302 -23.83 -1.41 -19.45
C TYR B 302 -25.32 -1.19 -19.29
N ASN B 303 -25.84 -1.62 -18.14
CA ASN B 303 -27.21 -1.33 -17.76
C ASN B 303 -27.25 0.08 -17.18
N PRO B 304 -27.86 1.05 -17.85
CA PRO B 304 -27.82 2.43 -17.33
C PRO B 304 -28.59 2.61 -16.04
N ALA B 305 -29.59 1.75 -15.77
CA ALA B 305 -30.43 1.91 -14.59
C ALA B 305 -29.67 1.63 -13.30
N LEU B 306 -28.54 0.95 -13.37
CA LEU B 306 -27.80 0.56 -12.17
C LEU B 306 -26.78 1.61 -11.75
N MET B 307 -26.45 2.56 -12.62
CA MET B 307 -25.44 3.55 -12.31
C MET B 307 -25.94 4.57 -11.30
N SER B 308 -25.02 5.09 -10.49
CA SER B 308 -25.32 6.15 -9.54
C SER B 308 -24.21 7.17 -9.58
N GLY B 309 -24.46 8.33 -8.97
CA GLY B 309 -23.46 9.36 -8.86
C GLY B 309 -23.36 9.89 -7.44
N GLN B 310 -22.18 10.43 -7.11
CA GLN B 310 -21.96 10.99 -5.79
C GLN B 310 -21.04 12.19 -5.89
N GLN B 311 -21.34 13.24 -5.14
CA GLN B 311 -20.40 14.35 -4.98
C GLN B 311 -19.42 14.00 -3.87
N GLU B 312 -18.14 14.15 -4.15
CA GLU B 312 -17.09 13.98 -3.15
C GLU B 312 -16.08 15.11 -3.33
N THR B 313 -15.18 15.22 -2.38
CA THR B 313 -14.11 16.21 -2.42
C THR B 313 -12.78 15.51 -2.68
N LEU B 314 -12.07 15.95 -3.72
CA LEU B 314 -10.73 15.45 -4.01
C LEU B 314 -9.73 16.58 -3.85
N SER B 315 -8.46 16.20 -3.73
CA SER B 315 -7.37 17.16 -3.61
C SER B 315 -6.47 17.03 -4.84
N PHE B 316 -6.08 18.18 -5.40
CA PHE B 316 -5.25 18.19 -6.60
C PHE B 316 -4.33 19.40 -6.53
N GLN B 317 -3.03 19.15 -6.59
CA GLN B 317 -2.00 20.20 -6.52
C GLN B 317 -2.27 21.15 -5.37
N GLY B 318 -2.68 20.58 -4.22
CA GLY B 318 -2.79 21.34 -2.99
C GLY B 318 -4.12 21.99 -2.74
N ASN B 319 -5.08 21.86 -3.65
CA ASN B 319 -6.39 22.50 -3.51
C ASN B 319 -7.48 21.45 -3.55
N LEU B 320 -8.56 21.73 -2.82
CA LEU B 320 -9.70 20.84 -2.74
C LEU B 320 -10.73 21.21 -3.81
N TYR B 321 -11.37 20.19 -4.37
CA TYR B 321 -12.35 20.38 -5.44
C TYR B 321 -13.55 19.49 -5.19
N ASP B 322 -14.75 20.06 -5.28
CA ASP B 322 -15.94 19.25 -5.37
C ASP B 322 -15.92 18.49 -6.69
N THR B 323 -16.31 17.22 -6.64
CA THR B 323 -16.18 16.32 -7.78
C THR B 323 -17.37 15.39 -7.84
N PHE B 324 -17.85 15.11 -9.04
CA PHE B 324 -18.97 14.20 -9.24
C PHE B 324 -18.41 12.86 -9.72
N LEU B 325 -18.68 11.81 -8.95
CA LEU B 325 -18.22 10.46 -9.25
C LEU B 325 -19.35 9.66 -9.86
N VAL B 326 -19.04 8.84 -10.87
CA VAL B 326 -19.99 7.91 -11.44
C VAL B 326 -19.58 6.50 -11.06
N LEU B 327 -20.51 5.77 -10.46
CA LEU B 327 -20.35 4.38 -10.05
C LEU B 327 -21.28 3.53 -10.91
N VAL B 328 -20.73 2.66 -11.74
CA VAL B 328 -21.58 1.89 -12.63
C VAL B 328 -22.28 0.76 -11.91
N ASN B 329 -21.76 0.32 -10.76
CA ASN B 329 -22.43 -0.63 -9.88
C ASN B 329 -22.80 -1.92 -10.63
N GLN B 330 -21.88 -2.42 -11.43
CA GLN B 330 -22.14 -3.64 -12.19
C GLN B 330 -20.82 -4.17 -12.70
N PRO B 331 -20.77 -5.44 -13.12
CA PRO B 331 -19.54 -5.99 -13.68
C PRO B 331 -19.26 -5.40 -15.06
N ILE B 332 -18.07 -5.69 -15.56
CA ILE B 332 -17.77 -5.33 -16.95
C ILE B 332 -18.67 -6.16 -17.86
N PRO B 333 -19.43 -5.54 -18.78
CA PRO B 333 -20.22 -6.33 -19.72
C PRO B 333 -19.35 -7.33 -20.46
N SER B 334 -19.94 -8.49 -20.80
CA SER B 334 -19.21 -9.51 -21.53
C SER B 334 -18.89 -9.06 -22.95
N ASP B 335 -19.72 -8.20 -23.53
CA ASP B 335 -19.53 -7.70 -24.89
C ASP B 335 -19.69 -6.19 -24.87
N LEU B 336 -18.60 -5.47 -25.11
CA LEU B 336 -18.61 -4.02 -25.11
C LEU B 336 -18.82 -3.42 -26.50
N THR B 337 -18.93 -4.24 -27.54
CA THR B 337 -19.04 -3.71 -28.89
C THR B 337 -20.41 -3.09 -29.11
N CYS B 338 -20.44 -1.94 -29.78
CA CYS B 338 -21.67 -1.24 -30.07
C CYS B 338 -22.18 -1.62 -31.45
N ALA B 339 -23.50 -1.66 -31.59
CA ALA B 339 -24.12 -2.04 -32.85
C ALA B 339 -23.93 -0.95 -33.88
N ALA B 340 -23.50 -1.33 -35.08
CA ALA B 340 -23.29 -0.38 -36.16
C ALA B 340 -24.59 0.31 -36.56
C02 9JE C . 12.53 -6.82 8.93
C03 9JE C . 12.31 -7.69 10.15
C04 9JE C . 12.83 -7.06 11.42
C05 9JE C . 13.20 -8.08 12.46
C06 9JE C . 13.82 -7.45 13.68
O01 9JE C . 11.44 -7.02 8.05
O07 9JE C . 14.84 -8.30 14.15
H1 9JE C . 12.56 -5.88 9.21
H2 9JE C . 13.36 -7.06 8.49
H3 9JE C . 12.78 -8.55 10.01
H4 9JE C . 11.35 -7.87 10.25
H5 9JE C . 12.14 -6.47 11.77
H6 9JE C . 13.61 -6.52 11.20
H7 9JE C . 12.40 -8.57 12.73
H8 9JE C . 13.83 -8.71 12.07
H9 9JE C . 14.21 -6.58 13.45
H10 9JE C . 13.14 -7.33 14.38
H11 9JE C . 11.31 -7.88 7.93
H12 9JE C . 14.93 -8.21 15.03
C02 9JE D . -8.82 -3.21 -18.71
C03 9JE D . -8.85 -4.04 -17.44
C04 9JE D . -7.82 -3.59 -16.42
C05 9JE D . -6.89 -4.69 -15.96
C06 9JE D . -6.97 -4.98 -14.47
O01 9JE D . -9.72 -3.79 -19.63
O07 9JE D . -5.66 -5.08 -13.94
H1 9JE D . -7.92 -3.21 -19.08
H2 9JE D . -9.09 -2.30 -18.51
H3 9JE D . -8.68 -4.97 -17.67
H4 9JE D . -9.74 -3.97 -17.05
H5 9JE D . -8.29 -3.24 -15.65
H6 9JE D . -7.28 -2.89 -16.82
H7 9JE D . -7.11 -5.52 -16.44
H8 9JE D . -5.97 -4.44 -16.17
H9 9JE D . -7.44 -4.24 -14.02
H10 9JE D . -7.46 -5.81 -14.32
H11 9JE D . -9.31 -3.91 -20.41
H12 9JE D . -5.29 -4.28 -13.90
C02 9JE E . -10.53 24.14 -12.10
C03 9JE E . -9.20 24.14 -11.42
C04 9JE E . -8.03 24.19 -12.39
C05 9JE E . -6.71 24.23 -11.65
C06 9JE E . -5.56 24.64 -12.55
O01 9JE E . -10.55 23.07 -13.04
O07 9JE E . -4.38 24.70 -11.76
H1 9JE E . -10.66 24.99 -12.58
H2 9JE E . -11.25 24.01 -11.45
H3 9JE E . -9.11 23.33 -10.89
H4 9JE E . -9.14 24.92 -10.83
H5 9JE E . -8.11 24.98 -12.94
H6 9JE E . -8.05 23.41 -12.96
H7 9JE E . -6.77 24.87 -10.91
H8 9JE E . -6.52 23.34 -11.29
H9 9JE E . -5.45 24.00 -13.26
H10 9JE E . -5.74 25.53 -12.92
H11 9JE E . -11.38 22.97 -13.34
H12 9JE E . -4.35 25.47 -11.33
C02 9JE F . 29.66 4.09 0.05
C03 9JE F . 30.46 3.52 -1.11
C04 9JE F . 31.05 4.61 -1.97
C05 9JE F . 32.09 4.09 -2.94
C06 9JE F . 32.78 5.21 -3.69
O01 9JE F . 28.90 3.06 0.62
O07 9JE F . 31.94 5.61 -4.76
H1 9JE F . 29.08 4.80 -0.28
H2 9JE F . 30.27 4.46 0.71
H3 9JE F . 29.88 2.97 -1.66
H4 9JE F . 31.18 2.97 -0.75
H5 9JE F . 31.46 5.29 -1.39
H6 9JE F . 30.34 5.03 -2.48
H7 9JE F . 32.76 3.59 -2.44
H8 9JE F . 31.65 3.50 -3.58
H9 9JE F . 32.93 5.96 -3.10
H10 9JE F . 33.63 4.89 -4.05
H11 9JE F . 28.22 2.87 0.09
H12 9JE F . 31.87 6.50 -4.77
#